data_7FGN
# 
_entry.id   7FGN 
# 
_audit_conform.dict_name       mmcif_pdbx.dic 
_audit_conform.dict_version    5.392 
_audit_conform.dict_location   http://mmcif.pdb.org/dictionaries/ascii/mmcif_pdbx.dic 
# 
loop_
_database_2.database_id 
_database_2.database_code 
_database_2.pdbx_database_accession 
_database_2.pdbx_DOI 
PDB   7FGN         pdb_00007fgn 10.2210/pdb7fgn/pdb 
WWPDB D_1300023549 ?            ?                   
# 
loop_
_pdbx_audit_revision_history.ordinal 
_pdbx_audit_revision_history.data_content_type 
_pdbx_audit_revision_history.major_revision 
_pdbx_audit_revision_history.minor_revision 
_pdbx_audit_revision_history.revision_date 
1 'Structure model' 1 0 2022-07-27 
2 'Structure model' 1 1 2023-08-09 
3 'Structure model' 1 2 2024-05-29 
# 
_pdbx_audit_revision_details.ordinal             1 
_pdbx_audit_revision_details.revision_ordinal    1 
_pdbx_audit_revision_details.data_content_type   'Structure model' 
_pdbx_audit_revision_details.provider            repository 
_pdbx_audit_revision_details.type                'Initial release' 
_pdbx_audit_revision_details.description         ? 
_pdbx_audit_revision_details.details             ? 
# 
loop_
_pdbx_audit_revision_group.ordinal 
_pdbx_audit_revision_group.revision_ordinal 
_pdbx_audit_revision_group.data_content_type 
_pdbx_audit_revision_group.group 
1 2 'Structure model' 'Database references' 
2 3 'Structure model' 'Data collection'     
# 
loop_
_pdbx_audit_revision_category.ordinal 
_pdbx_audit_revision_category.revision_ordinal 
_pdbx_audit_revision_category.data_content_type 
_pdbx_audit_revision_category.category 
1 2 'Structure model' citation        
2 2 'Structure model' citation_author 
3 3 'Structure model' chem_comp_atom  
4 3 'Structure model' chem_comp_bond  
# 
loop_
_pdbx_audit_revision_item.ordinal 
_pdbx_audit_revision_item.revision_ordinal 
_pdbx_audit_revision_item.data_content_type 
_pdbx_audit_revision_item.item 
1 2 'Structure model' '_citation.country'              
2 2 'Structure model' '_citation.journal_abbrev'       
3 2 'Structure model' '_citation.journal_id_CSD'       
4 2 'Structure model' '_citation.journal_id_ISSN'      
5 2 'Structure model' '_citation.journal_volume'       
6 2 'Structure model' '_citation.pdbx_database_id_DOI' 
7 2 'Structure model' '_citation.title'                
8 2 'Structure model' '_citation.year'                 
# 
_pdbx_database_status.status_code                     REL 
_pdbx_database_status.status_code_sf                  REL 
_pdbx_database_status.status_code_mr                  ? 
_pdbx_database_status.entry_id                        7FGN 
_pdbx_database_status.recvd_initial_deposition_date   2021-07-27 
_pdbx_database_status.SG_entry                        N 
_pdbx_database_status.deposit_site                    PDBJ 
_pdbx_database_status.process_site                    PDBJ 
_pdbx_database_status.status_code_cs                  ? 
_pdbx_database_status.status_code_nmr_data            ? 
_pdbx_database_status.methods_development_category    ? 
_pdbx_database_status.pdb_format_compatible           Y 
# 
loop_
_audit_author.name 
_audit_author.pdbx_ordinal 
_audit_author.identifier_ORCID 
'Kim, E.E.'  1 0000-0002-7707-8055 
'ParK, J.K.' 2 0000-0002-1751-2980 
'Shin, S.C.' 3 0000-0003-0156-680X 
# 
_citation.abstract                  ? 
_citation.abstract_id_CAS           ? 
_citation.book_id_ISBN              ? 
_citation.book_publisher            ? 
_citation.book_publisher_city       ? 
_citation.book_title                ? 
_citation.coordinate_linkage        ? 
_citation.country                   US 
_citation.database_id_Medline       ? 
_citation.details                   ? 
_citation.id                        primary 
_citation.journal_abbrev            'J Mol Cell Biol' 
_citation.journal_id_ASTM           ? 
_citation.journal_id_CSD            ? 
_citation.journal_id_ISSN           1759-4685 
_citation.journal_full              ? 
_citation.journal_issue             ? 
_citation.journal_volume            14 
_citation.language                  ? 
_citation.page_first                ? 
_citation.page_last                 ? 
_citation.title                     
'The complex of Fas-associated factor 1 with Hsp70 stabilizes the adherens junction integrity by suppressing RhoA activation' 
_citation.year                      2022 
_citation.database_id_CSD           ? 
_citation.pdbx_database_id_DOI      10.1093/jmcb/mjac037 
_citation.pdbx_database_id_PubMed   ? 
_citation.pdbx_database_id_patent   ? 
_citation.unpublished_flag          ? 
# 
loop_
_citation_author.citation_id 
_citation_author.name 
_citation_author.ordinal 
_citation_author.identifier_ORCID 
primary 'Song, S.'   1  ? 
primary 'Park, J.K.' 2  ? 
primary 'Shin, S.C.' 3  ? 
primary 'Lee, J.J.'  4  ? 
primary 'Hong, S.K.' 5  ? 
primary 'Song, I.K.' 6  ? 
primary 'Kim, B.'    7  ? 
primary 'Song, E.J.' 8  ? 
primary 'Lee, K.J.'  9  ? 
primary 'Kim, E.E.'  10 ? 
# 
loop_
_entity.id 
_entity.type 
_entity.src_method 
_entity.pdbx_description 
_entity.formula_weight 
_entity.pdbx_number_of_molecules 
_entity.pdbx_ec 
_entity.pdbx_mutation 
_entity.pdbx_fragment 
_entity.details 
1 polymer man 'FAS-associated factor 1' 8909.203 1   ? ? ? ? 
2 water   nat water                     18.015   118 ? ? ? ? 
# 
_entity_name_com.entity_id   1 
_entity_name_com.name        'hFAF1,UBX domain-containing protein 12,UBX domain-containing protein 3A' 
# 
_entity_poly.entity_id                      1 
_entity_poly.type                           'polypeptide(L)' 
_entity_poly.nstd_linkage                   no 
_entity_poly.nstd_monomer                   no 
_entity_poly.pdbx_seq_one_letter_code       GSHMLDFRVEYRDRNVDVVLEDTCTVGEIKQILENELQIPVSKMLLKGWKTGDVEDSTVLKSLHLPKNNSLYVLTPDL 
_entity_poly.pdbx_seq_one_letter_code_can   GSHMLDFRVEYRDRNVDVVLEDTCTVGEIKQILENELQIPVSKMLLKGWKTGDVEDSTVLKSLHLPKNNSLYVLTPDL 
_entity_poly.pdbx_strand_id                 A 
_entity_poly.pdbx_target_identifier         ? 
# 
_pdbx_entity_nonpoly.entity_id   2 
_pdbx_entity_nonpoly.name        water 
_pdbx_entity_nonpoly.comp_id     HOH 
# 
loop_
_entity_poly_seq.entity_id 
_entity_poly_seq.num 
_entity_poly_seq.mon_id 
_entity_poly_seq.hetero 
1 1  GLY n 
1 2  SER n 
1 3  HIS n 
1 4  MET n 
1 5  LEU n 
1 6  ASP n 
1 7  PHE n 
1 8  ARG n 
1 9  VAL n 
1 10 GLU n 
1 11 TYR n 
1 12 ARG n 
1 13 ASP n 
1 14 ARG n 
1 15 ASN n 
1 16 VAL n 
1 17 ASP n 
1 18 VAL n 
1 19 VAL n 
1 20 LEU n 
1 21 GLU n 
1 22 ASP n 
1 23 THR n 
1 24 CYS n 
1 25 THR n 
1 26 VAL n 
1 27 GLY n 
1 28 GLU n 
1 29 ILE n 
1 30 LYS n 
1 31 GLN n 
1 32 ILE n 
1 33 LEU n 
1 34 GLU n 
1 35 ASN n 
1 36 GLU n 
1 37 LEU n 
1 38 GLN n 
1 39 ILE n 
1 40 PRO n 
1 41 VAL n 
1 42 SER n 
1 43 LYS n 
1 44 MET n 
1 45 LEU n 
1 46 LEU n 
1 47 LYS n 
1 48 GLY n 
1 49 TRP n 
1 50 LYS n 
1 51 THR n 
1 52 GLY n 
1 53 ASP n 
1 54 VAL n 
1 55 GLU n 
1 56 ASP n 
1 57 SER n 
1 58 THR n 
1 59 VAL n 
1 60 LEU n 
1 61 LYS n 
1 62 SER n 
1 63 LEU n 
1 64 HIS n 
1 65 LEU n 
1 66 PRO n 
1 67 LYS n 
1 68 ASN n 
1 69 ASN n 
1 70 SER n 
1 71 LEU n 
1 72 TYR n 
1 73 VAL n 
1 74 LEU n 
1 75 THR n 
1 76 PRO n 
1 77 ASP n 
1 78 LEU n 
# 
_entity_src_gen.entity_id                          1 
_entity_src_gen.pdbx_src_id                        1 
_entity_src_gen.pdbx_alt_source_flag               sample 
_entity_src_gen.pdbx_seq_type                      'Biological sequence' 
_entity_src_gen.pdbx_beg_seq_num                   1 
_entity_src_gen.pdbx_end_seq_num                   78 
_entity_src_gen.gene_src_common_name               Human 
_entity_src_gen.gene_src_genus                     ? 
_entity_src_gen.pdbx_gene_src_gene                 'FAF1, UBXD12, UBXN3A, CGI-03' 
_entity_src_gen.gene_src_species                   ? 
_entity_src_gen.gene_src_strain                    ? 
_entity_src_gen.gene_src_tissue                    ? 
_entity_src_gen.gene_src_tissue_fraction           ? 
_entity_src_gen.gene_src_details                   ? 
_entity_src_gen.pdbx_gene_src_fragment             ? 
_entity_src_gen.pdbx_gene_src_scientific_name      'Homo sapiens' 
_entity_src_gen.pdbx_gene_src_ncbi_taxonomy_id     9606 
_entity_src_gen.pdbx_gene_src_variant              ? 
_entity_src_gen.pdbx_gene_src_cell_line            ? 
_entity_src_gen.pdbx_gene_src_atcc                 ? 
_entity_src_gen.pdbx_gene_src_organ                ? 
_entity_src_gen.pdbx_gene_src_organelle            ? 
_entity_src_gen.pdbx_gene_src_cell                 ? 
_entity_src_gen.pdbx_gene_src_cellular_location    ? 
_entity_src_gen.host_org_common_name               ? 
_entity_src_gen.pdbx_host_org_scientific_name      'Escherichia coli' 
_entity_src_gen.pdbx_host_org_ncbi_taxonomy_id     562 
_entity_src_gen.host_org_genus                     ? 
_entity_src_gen.pdbx_host_org_gene                 ? 
_entity_src_gen.pdbx_host_org_organ                ? 
_entity_src_gen.host_org_species                   ? 
_entity_src_gen.pdbx_host_org_tissue               ? 
_entity_src_gen.pdbx_host_org_tissue_fraction      ? 
_entity_src_gen.pdbx_host_org_strain               ? 
_entity_src_gen.pdbx_host_org_variant              ? 
_entity_src_gen.pdbx_host_org_cell_line            ? 
_entity_src_gen.pdbx_host_org_atcc                 ? 
_entity_src_gen.pdbx_host_org_culture_collection   ? 
_entity_src_gen.pdbx_host_org_cell                 ? 
_entity_src_gen.pdbx_host_org_organelle            ? 
_entity_src_gen.pdbx_host_org_cellular_location    ? 
_entity_src_gen.pdbx_host_org_vector_type          ? 
_entity_src_gen.pdbx_host_org_vector               ? 
_entity_src_gen.host_org_details                   ? 
_entity_src_gen.expression_system_id               ? 
_entity_src_gen.plasmid_name                       ? 
_entity_src_gen.plasmid_details                    ? 
_entity_src_gen.pdbx_description                   ? 
# 
loop_
_chem_comp.id 
_chem_comp.type 
_chem_comp.mon_nstd_flag 
_chem_comp.name 
_chem_comp.pdbx_synonyms 
_chem_comp.formula 
_chem_comp.formula_weight 
ARG 'L-peptide linking' y ARGININE        ? 'C6 H15 N4 O2 1' 175.209 
ASN 'L-peptide linking' y ASPARAGINE      ? 'C4 H8 N2 O3'    132.118 
ASP 'L-peptide linking' y 'ASPARTIC ACID' ? 'C4 H7 N O4'     133.103 
CYS 'L-peptide linking' y CYSTEINE        ? 'C3 H7 N O2 S'   121.158 
GLN 'L-peptide linking' y GLUTAMINE       ? 'C5 H10 N2 O3'   146.144 
GLU 'L-peptide linking' y 'GLUTAMIC ACID' ? 'C5 H9 N O4'     147.129 
GLY 'peptide linking'   y GLYCINE         ? 'C2 H5 N O2'     75.067  
HIS 'L-peptide linking' y HISTIDINE       ? 'C6 H10 N3 O2 1' 156.162 
HOH non-polymer         . WATER           ? 'H2 O'           18.015  
ILE 'L-peptide linking' y ISOLEUCINE      ? 'C6 H13 N O2'    131.173 
LEU 'L-peptide linking' y LEUCINE         ? 'C6 H13 N O2'    131.173 
LYS 'L-peptide linking' y LYSINE          ? 'C6 H15 N2 O2 1' 147.195 
MET 'L-peptide linking' y METHIONINE      ? 'C5 H11 N O2 S'  149.211 
PHE 'L-peptide linking' y PHENYLALANINE   ? 'C9 H11 N O2'    165.189 
PRO 'L-peptide linking' y PROLINE         ? 'C5 H9 N O2'     115.130 
SER 'L-peptide linking' y SERINE          ? 'C3 H7 N O3'     105.093 
THR 'L-peptide linking' y THREONINE       ? 'C4 H9 N O3'     119.119 
TRP 'L-peptide linking' y TRYPTOPHAN      ? 'C11 H12 N2 O2'  204.225 
TYR 'L-peptide linking' y TYROSINE        ? 'C9 H11 N O3'    181.189 
VAL 'L-peptide linking' y VALINE          ? 'C5 H11 N O2'    117.146 
# 
loop_
_pdbx_poly_seq_scheme.asym_id 
_pdbx_poly_seq_scheme.entity_id 
_pdbx_poly_seq_scheme.seq_id 
_pdbx_poly_seq_scheme.mon_id 
_pdbx_poly_seq_scheme.ndb_seq_num 
_pdbx_poly_seq_scheme.pdb_seq_num 
_pdbx_poly_seq_scheme.auth_seq_num 
_pdbx_poly_seq_scheme.pdb_mon_id 
_pdbx_poly_seq_scheme.auth_mon_id 
_pdbx_poly_seq_scheme.pdb_strand_id 
_pdbx_poly_seq_scheme.pdb_ins_code 
_pdbx_poly_seq_scheme.hetero 
A 1 1  GLY 1  97  97  GLY GLY A . n 
A 1 2  SER 2  98  98  SER SER A . n 
A 1 3  HIS 3  99  99  HIS HIS A . n 
A 1 4  MET 4  100 100 MET MET A . n 
A 1 5  LEU 5  101 101 LEU LEU A . n 
A 1 6  ASP 6  102 102 ASP ASP A . n 
A 1 7  PHE 7  103 103 PHE PHE A . n 
A 1 8  ARG 8  104 104 ARG ARG A . n 
A 1 9  VAL 9  105 105 VAL VAL A . n 
A 1 10 GLU 10 106 106 GLU GLU A . n 
A 1 11 TYR 11 107 107 TYR TYR A . n 
A 1 12 ARG 12 108 108 ARG ARG A . n 
A 1 13 ASP 13 109 109 ASP ASP A . n 
A 1 14 ARG 14 110 110 ARG ARG A . n 
A 1 15 ASN 15 111 111 ASN ASN A . n 
A 1 16 VAL 16 112 112 VAL VAL A . n 
A 1 17 ASP 17 113 113 ASP ASP A . n 
A 1 18 VAL 18 114 114 VAL VAL A . n 
A 1 19 VAL 19 115 115 VAL VAL A . n 
A 1 20 LEU 20 116 116 LEU LEU A . n 
A 1 21 GLU 21 117 117 GLU GLU A . n 
A 1 22 ASP 22 118 118 ASP ASP A . n 
A 1 23 THR 23 119 119 THR THR A . n 
A 1 24 CYS 24 120 120 CYS CYS A . n 
A 1 25 THR 25 121 121 THR THR A . n 
A 1 26 VAL 26 122 122 VAL VAL A . n 
A 1 27 GLY 27 123 123 GLY GLY A . n 
A 1 28 GLU 28 124 124 GLU GLU A . n 
A 1 29 ILE 29 125 125 ILE ILE A . n 
A 1 30 LYS 30 126 126 LYS LYS A . n 
A 1 31 GLN 31 127 127 GLN GLN A . n 
A 1 32 ILE 32 128 128 ILE ILE A . n 
A 1 33 LEU 33 129 129 LEU LEU A . n 
A 1 34 GLU 34 130 130 GLU GLU A . n 
A 1 35 ASN 35 131 131 ASN ASN A . n 
A 1 36 GLU 36 132 132 GLU GLU A . n 
A 1 37 LEU 37 133 133 LEU LEU A . n 
A 1 38 GLN 38 134 134 GLN GLN A . n 
A 1 39 ILE 39 135 135 ILE ILE A . n 
A 1 40 PRO 40 136 136 PRO PRO A . n 
A 1 41 VAL 41 137 137 VAL VAL A . n 
A 1 42 SER 42 138 138 SER SER A . n 
A 1 43 LYS 43 139 139 LYS LYS A . n 
A 1 44 MET 44 140 140 MET MET A . n 
A 1 45 LEU 45 141 141 LEU LEU A . n 
A 1 46 LEU 46 142 142 LEU LEU A . n 
A 1 47 LYS 47 143 143 LYS LYS A . n 
A 1 48 GLY 48 144 144 GLY GLY A . n 
A 1 49 TRP 49 145 145 TRP TRP A . n 
A 1 50 LYS 50 146 146 LYS LYS A . n 
A 1 51 THR 51 147 147 THR THR A . n 
A 1 52 GLY 52 148 148 GLY GLY A . n 
A 1 53 ASP 53 149 149 ASP ASP A . n 
A 1 54 VAL 54 150 150 VAL VAL A . n 
A 1 55 GLU 55 151 151 GLU GLU A . n 
A 1 56 ASP 56 152 152 ASP ASP A . n 
A 1 57 SER 57 153 153 SER SER A . n 
A 1 58 THR 58 154 154 THR THR A . n 
A 1 59 VAL 59 155 155 VAL VAL A . n 
A 1 60 LEU 60 156 156 LEU LEU A . n 
A 1 61 LYS 61 157 157 LYS LYS A . n 
A 1 62 SER 62 158 158 SER SER A . n 
A 1 63 LEU 63 159 159 LEU LEU A . n 
A 1 64 HIS 64 160 160 HIS HIS A . n 
A 1 65 LEU 65 161 161 LEU LEU A . n 
A 1 66 PRO 66 162 162 PRO PRO A . n 
A 1 67 LYS 67 163 163 LYS LYS A . n 
A 1 68 ASN 68 164 164 ASN ASN A . n 
A 1 69 ASN 69 165 165 ASN ASN A . n 
A 1 70 SER 70 166 166 SER SER A . n 
A 1 71 LEU 71 167 167 LEU LEU A . n 
A 1 72 TYR 72 168 168 TYR TYR A . n 
A 1 73 VAL 73 169 169 VAL VAL A . n 
A 1 74 LEU 74 170 170 LEU LEU A . n 
A 1 75 THR 75 171 171 THR THR A . n 
A 1 76 PRO 76 172 ?   ?   ?   A . n 
A 1 77 ASP 77 173 ?   ?   ?   A . n 
A 1 78 LEU 78 174 ?   ?   ?   A . n 
# 
loop_
_pdbx_nonpoly_scheme.asym_id 
_pdbx_nonpoly_scheme.entity_id 
_pdbx_nonpoly_scheme.mon_id 
_pdbx_nonpoly_scheme.ndb_seq_num 
_pdbx_nonpoly_scheme.pdb_seq_num 
_pdbx_nonpoly_scheme.auth_seq_num 
_pdbx_nonpoly_scheme.pdb_mon_id 
_pdbx_nonpoly_scheme.auth_mon_id 
_pdbx_nonpoly_scheme.pdb_strand_id 
_pdbx_nonpoly_scheme.pdb_ins_code 
B 2 HOH 1   201 15  HOH HOH A . 
B 2 HOH 2   202 91  HOH HOH A . 
B 2 HOH 3   203 122 HOH HOH A . 
B 2 HOH 4   204 53  HOH HOH A . 
B 2 HOH 5   205 72  HOH HOH A . 
B 2 HOH 6   206 89  HOH HOH A . 
B 2 HOH 7   207 54  HOH HOH A . 
B 2 HOH 8   208 76  HOH HOH A . 
B 2 HOH 9   209 71  HOH HOH A . 
B 2 HOH 10  210 97  HOH HOH A . 
B 2 HOH 11  211 36  HOH HOH A . 
B 2 HOH 12  212 7   HOH HOH A . 
B 2 HOH 13  213 40  HOH HOH A . 
B 2 HOH 14  214 27  HOH HOH A . 
B 2 HOH 15  215 9   HOH HOH A . 
B 2 HOH 16  216 23  HOH HOH A . 
B 2 HOH 17  217 86  HOH HOH A . 
B 2 HOH 18  218 42  HOH HOH A . 
B 2 HOH 19  219 58  HOH HOH A . 
B 2 HOH 20  220 67  HOH HOH A . 
B 2 HOH 21  221 102 HOH HOH A . 
B 2 HOH 22  222 69  HOH HOH A . 
B 2 HOH 23  223 52  HOH HOH A . 
B 2 HOH 24  224 34  HOH HOH A . 
B 2 HOH 25  225 12  HOH HOH A . 
B 2 HOH 26  226 14  HOH HOH A . 
B 2 HOH 27  227 98  HOH HOH A . 
B 2 HOH 28  228 61  HOH HOH A . 
B 2 HOH 29  229 50  HOH HOH A . 
B 2 HOH 30  230 4   HOH HOH A . 
B 2 HOH 31  231 55  HOH HOH A . 
B 2 HOH 32  232 96  HOH HOH A . 
B 2 HOH 33  233 2   HOH HOH A . 
B 2 HOH 34  234 117 HOH HOH A . 
B 2 HOH 35  235 26  HOH HOH A . 
B 2 HOH 36  236 62  HOH HOH A . 
B 2 HOH 37  237 29  HOH HOH A . 
B 2 HOH 38  238 5   HOH HOH A . 
B 2 HOH 39  239 8   HOH HOH A . 
B 2 HOH 40  240 37  HOH HOH A . 
B 2 HOH 41  241 39  HOH HOH A . 
B 2 HOH 42  242 18  HOH HOH A . 
B 2 HOH 43  243 1   HOH HOH A . 
B 2 HOH 44  244 6   HOH HOH A . 
B 2 HOH 45  245 32  HOH HOH A . 
B 2 HOH 46  246 83  HOH HOH A . 
B 2 HOH 47  247 19  HOH HOH A . 
B 2 HOH 48  248 22  HOH HOH A . 
B 2 HOH 49  249 45  HOH HOH A . 
B 2 HOH 50  250 101 HOH HOH A . 
B 2 HOH 51  251 41  HOH HOH A . 
B 2 HOH 52  252 60  HOH HOH A . 
B 2 HOH 53  253 100 HOH HOH A . 
B 2 HOH 54  254 35  HOH HOH A . 
B 2 HOH 55  255 11  HOH HOH A . 
B 2 HOH 56  256 63  HOH HOH A . 
B 2 HOH 57  257 21  HOH HOH A . 
B 2 HOH 58  258 47  HOH HOH A . 
B 2 HOH 59  259 114 HOH HOH A . 
B 2 HOH 60  260 24  HOH HOH A . 
B 2 HOH 61  261 109 HOH HOH A . 
B 2 HOH 62  262 57  HOH HOH A . 
B 2 HOH 63  263 20  HOH HOH A . 
B 2 HOH 64  264 74  HOH HOH A . 
B 2 HOH 65  265 13  HOH HOH A . 
B 2 HOH 66  266 70  HOH HOH A . 
B 2 HOH 67  267 75  HOH HOH A . 
B 2 HOH 68  268 79  HOH HOH A . 
B 2 HOH 69  269 78  HOH HOH A . 
B 2 HOH 70  270 105 HOH HOH A . 
B 2 HOH 71  271 3   HOH HOH A . 
B 2 HOH 72  272 110 HOH HOH A . 
B 2 HOH 73  273 31  HOH HOH A . 
B 2 HOH 74  274 30  HOH HOH A . 
B 2 HOH 75  275 43  HOH HOH A . 
B 2 HOH 76  276 51  HOH HOH A . 
B 2 HOH 77  277 65  HOH HOH A . 
B 2 HOH 78  278 33  HOH HOH A . 
B 2 HOH 79  279 113 HOH HOH A . 
B 2 HOH 80  280 49  HOH HOH A . 
B 2 HOH 81  281 44  HOH HOH A . 
B 2 HOH 82  282 73  HOH HOH A . 
B 2 HOH 83  283 17  HOH HOH A . 
B 2 HOH 84  284 64  HOH HOH A . 
B 2 HOH 85  285 48  HOH HOH A . 
B 2 HOH 86  286 28  HOH HOH A . 
B 2 HOH 87  287 46  HOH HOH A . 
B 2 HOH 88  288 66  HOH HOH A . 
B 2 HOH 89  289 108 HOH HOH A . 
B 2 HOH 90  290 116 HOH HOH A . 
B 2 HOH 91  291 94  HOH HOH A . 
B 2 HOH 92  292 38  HOH HOH A . 
B 2 HOH 93  293 85  HOH HOH A . 
B 2 HOH 94  294 59  HOH HOH A . 
B 2 HOH 95  295 56  HOH HOH A . 
B 2 HOH 96  296 25  HOH HOH A . 
B 2 HOH 97  297 95  HOH HOH A . 
B 2 HOH 98  298 121 HOH HOH A . 
B 2 HOH 99  299 107 HOH HOH A . 
B 2 HOH 100 300 106 HOH HOH A . 
B 2 HOH 101 301 104 HOH HOH A . 
B 2 HOH 102 302 120 HOH HOH A . 
B 2 HOH 103 303 99  HOH HOH A . 
B 2 HOH 104 304 90  HOH HOH A . 
B 2 HOH 105 305 111 HOH HOH A . 
B 2 HOH 106 306 92  HOH HOH A . 
B 2 HOH 107 307 93  HOH HOH A . 
B 2 HOH 108 308 68  HOH HOH A . 
B 2 HOH 109 309 87  HOH HOH A . 
B 2 HOH 110 310 88  HOH HOH A . 
B 2 HOH 111 311 112 HOH HOH A . 
B 2 HOH 112 312 77  HOH HOH A . 
B 2 HOH 113 313 115 HOH HOH A . 
B 2 HOH 114 314 81  HOH HOH A . 
B 2 HOH 115 315 123 HOH HOH A . 
B 2 HOH 116 316 16  HOH HOH A . 
B 2 HOH 117 317 10  HOH HOH A . 
B 2 HOH 118 318 118 HOH HOH A . 
# 
loop_
_software.citation_id 
_software.classification 
_software.compiler_name 
_software.compiler_version 
_software.contact_author 
_software.contact_author_email 
_software.date 
_software.description 
_software.dependencies 
_software.hardware 
_software.language 
_software.location 
_software.mods 
_software.name 
_software.os 
_software.os_version 
_software.type 
_software.version 
_software.pdbx_ordinal 
? 'data scaling'    ? ? ? ? ? ? ? ? ? ? ? HKL-2000    ? ? ? .         1 
? refinement        ? ? ? ? ? ? ? ? ? ? ? PHENIX      ? ? ? 1.16_3549 2 
? 'data extraction' ? ? ? ? ? ? ? ? ? ? ? PDB_EXTRACT ? ? ? 3.27      3 
? 'data reduction'  ? ? ? ? ? ? ? ? ? ? ? HKL-2000    ? ? ? .         4 
? phasing           ? ? ? ? ? ? ? ? ? ? ? CNS         ? ? ? .         5 
# 
_cell.angle_alpha                  90.000 
_cell.angle_alpha_esd              ? 
_cell.angle_beta                   90.000 
_cell.angle_beta_esd               ? 
_cell.angle_gamma                  90.000 
_cell.angle_gamma_esd              ? 
_cell.entry_id                     7FGN 
_cell.details                      ? 
_cell.formula_units_Z              ? 
_cell.length_a                     65.028 
_cell.length_a_esd                 ? 
_cell.length_b                     65.028 
_cell.length_b_esd                 ? 
_cell.length_c                     33.563 
_cell.length_c_esd                 ? 
_cell.volume                       ? 
_cell.volume_esd                   ? 
_cell.Z_PDB                        8 
_cell.reciprocal_angle_alpha       ? 
_cell.reciprocal_angle_beta        ? 
_cell.reciprocal_angle_gamma       ? 
_cell.reciprocal_angle_alpha_esd   ? 
_cell.reciprocal_angle_beta_esd    ? 
_cell.reciprocal_angle_gamma_esd   ? 
_cell.reciprocal_length_a          ? 
_cell.reciprocal_length_b          ? 
_cell.reciprocal_length_c          ? 
_cell.reciprocal_length_a_esd      ? 
_cell.reciprocal_length_b_esd      ? 
_cell.reciprocal_length_c_esd      ? 
_cell.pdbx_unique_axis             ? 
# 
_symmetry.entry_id                         7FGN 
_symmetry.cell_setting                     ? 
_symmetry.Int_Tables_number                94 
_symmetry.space_group_name_Hall            ? 
_symmetry.space_group_name_H-M             'P 42 21 2' 
_symmetry.pdbx_full_space_group_name_H-M   ? 
# 
_exptl.absorpt_coefficient_mu     ? 
_exptl.absorpt_correction_T_max   ? 
_exptl.absorpt_correction_T_min   ? 
_exptl.absorpt_correction_type    ? 
_exptl.absorpt_process_details    ? 
_exptl.entry_id                   7FGN 
_exptl.crystals_number            1 
_exptl.details                    ? 
_exptl.method                     'X-RAY DIFFRACTION' 
_exptl.method_details             ? 
# 
_exptl_crystal.colour                      ? 
_exptl_crystal.density_diffrn              ? 
_exptl_crystal.density_Matthews            1.99 
_exptl_crystal.density_method              ? 
_exptl_crystal.density_percent_sol         38.23 
_exptl_crystal.description                 ? 
_exptl_crystal.F_000                       ? 
_exptl_crystal.id                          1 
_exptl_crystal.preparation                 ? 
_exptl_crystal.size_max                    ? 
_exptl_crystal.size_mid                    ? 
_exptl_crystal.size_min                    ? 
_exptl_crystal.size_rad                    ? 
_exptl_crystal.colour_lustre               ? 
_exptl_crystal.colour_modifier             ? 
_exptl_crystal.colour_primary              ? 
_exptl_crystal.density_meas                ? 
_exptl_crystal.density_meas_esd            ? 
_exptl_crystal.density_meas_gt             ? 
_exptl_crystal.density_meas_lt             ? 
_exptl_crystal.density_meas_temp           ? 
_exptl_crystal.density_meas_temp_esd       ? 
_exptl_crystal.density_meas_temp_gt        ? 
_exptl_crystal.density_meas_temp_lt        ? 
_exptl_crystal.pdbx_crystal_image_url      ? 
_exptl_crystal.pdbx_crystal_image_format   ? 
_exptl_crystal.pdbx_mosaicity              ? 
_exptl_crystal.pdbx_mosaicity_esd          ? 
# 
_exptl_crystal_grow.apparatus       ? 
_exptl_crystal_grow.atmosphere      ? 
_exptl_crystal_grow.crystal_id      1 
_exptl_crystal_grow.details         ? 
_exptl_crystal_grow.method          'VAPOR DIFFUSION, HANGING DROP' 
_exptl_crystal_grow.method_ref      ? 
_exptl_crystal_grow.pH              ? 
_exptl_crystal_grow.pressure        ? 
_exptl_crystal_grow.pressure_esd    ? 
_exptl_crystal_grow.seeding         ? 
_exptl_crystal_grow.seeding_ref     ? 
_exptl_crystal_grow.temp            298 
_exptl_crystal_grow.temp_details    ? 
_exptl_crystal_grow.temp_esd        ? 
_exptl_crystal_grow.time            ? 
_exptl_crystal_grow.pdbx_details    
;50 mM Bis-Tris pH 6.5 
50 mM (NH4)2SO4 
30 % v/v pentaerythritol ethoxylate
;
_exptl_crystal_grow.pdbx_pH_range   ? 
# 
_diffrn.ambient_environment              ? 
_diffrn.ambient_temp                     298 
_diffrn.ambient_temp_details             ? 
_diffrn.ambient_temp_esd                 ? 
_diffrn.crystal_id                       1 
_diffrn.crystal_support                  ? 
_diffrn.crystal_treatment                ? 
_diffrn.details                          ? 
_diffrn.id                               1 
_diffrn.ambient_pressure                 ? 
_diffrn.ambient_pressure_esd             ? 
_diffrn.ambient_pressure_gt              ? 
_diffrn.ambient_pressure_lt              ? 
_diffrn.ambient_temp_gt                  ? 
_diffrn.ambient_temp_lt                  ? 
_diffrn.pdbx_serial_crystal_experiment   N 
# 
_diffrn_detector.details                      ? 
_diffrn_detector.detector                     CCD 
_diffrn_detector.diffrn_id                    1 
_diffrn_detector.type                         'ADSC QUANTUM 210r' 
_diffrn_detector.area_resol_mean              ? 
_diffrn_detector.dtime                        ? 
_diffrn_detector.pdbx_frames_total            ? 
_diffrn_detector.pdbx_collection_time_total   ? 
_diffrn_detector.pdbx_collection_date         2013-01-16 
_diffrn_detector.pdbx_frequency               ? 
# 
_diffrn_radiation.collimation                      ? 
_diffrn_radiation.diffrn_id                        1 
_diffrn_radiation.filter_edge                      ? 
_diffrn_radiation.inhomogeneity                    ? 
_diffrn_radiation.monochromator                    ? 
_diffrn_radiation.polarisn_norm                    ? 
_diffrn_radiation.polarisn_ratio                   ? 
_diffrn_radiation.probe                            ? 
_diffrn_radiation.type                             ? 
_diffrn_radiation.xray_symbol                      ? 
_diffrn_radiation.wavelength_id                    1 
_diffrn_radiation.pdbx_monochromatic_or_laue_m_l   M 
_diffrn_radiation.pdbx_wavelength_list             ? 
_diffrn_radiation.pdbx_wavelength                  ? 
_diffrn_radiation.pdbx_diffrn_protocol             'SINGLE WAVELENGTH' 
_diffrn_radiation.pdbx_analyzer                    ? 
_diffrn_radiation.pdbx_scattering_type             x-ray 
# 
_diffrn_radiation_wavelength.id           1 
_diffrn_radiation_wavelength.wavelength   1.00000 
_diffrn_radiation_wavelength.wt           1.0 
# 
_diffrn_source.current                     ? 
_diffrn_source.details                     ? 
_diffrn_source.diffrn_id                   1 
_diffrn_source.power                       ? 
_diffrn_source.size                        ? 
_diffrn_source.source                      SYNCHROTRON 
_diffrn_source.target                      ? 
_diffrn_source.type                        'PAL/PLS BEAMLINE 5C (4A)' 
_diffrn_source.voltage                     ? 
_diffrn_source.take-off_angle              ? 
_diffrn_source.pdbx_wavelength_list        1.00000 
_diffrn_source.pdbx_wavelength             ? 
_diffrn_source.pdbx_synchrotron_beamline   '5C (4A)' 
_diffrn_source.pdbx_synchrotron_site       PAL/PLS 
# 
_reflns.B_iso_Wilson_estimate                          ? 
_reflns.entry_id                                       7FGN 
_reflns.data_reduction_details                         ? 
_reflns.data_reduction_method                          ? 
_reflns.d_resolution_high                              1.1990 
_reflns.d_resolution_low                               50.000 
_reflns.details                                        ? 
_reflns.limit_h_max                                    ? 
_reflns.limit_h_min                                    ? 
_reflns.limit_k_max                                    ? 
_reflns.limit_k_min                                    ? 
_reflns.limit_l_max                                    ? 
_reflns.limit_l_min                                    ? 
_reflns.number_all                                     ? 
_reflns.number_obs                                     23078 
_reflns.observed_criterion                             ? 
_reflns.observed_criterion_F_max                       ? 
_reflns.observed_criterion_F_min                       ? 
_reflns.observed_criterion_I_max                       ? 
_reflns.observed_criterion_I_min                       ? 
_reflns.observed_criterion_sigma_F                     ? 
_reflns.observed_criterion_sigma_I                     ? 
_reflns.percent_possible_obs                           99.700 
_reflns.R_free_details                                 ? 
_reflns.Rmerge_F_all                                   ? 
_reflns.Rmerge_F_obs                                   ? 
_reflns.Friedel_coverage                               ? 
_reflns.number_gt                                      ? 
_reflns.threshold_expression                           ? 
_reflns.pdbx_redundancy                                12.200 
_reflns.pdbx_Rmerge_I_obs                              0.050 
_reflns.pdbx_Rmerge_I_all                              ? 
_reflns.pdbx_Rsym_value                                ? 
_reflns.pdbx_netI_over_av_sigmaI                       ? 
_reflns.pdbx_netI_over_sigmaI                          19.900 
_reflns.pdbx_res_netI_over_av_sigmaI_2                 ? 
_reflns.pdbx_res_netI_over_sigmaI_2                    ? 
_reflns.pdbx_chi_squared                               0.951 
_reflns.pdbx_scaling_rejects                           ? 
_reflns.pdbx_d_res_high_opt                            ? 
_reflns.pdbx_d_res_low_opt                             ? 
_reflns.pdbx_d_res_opt_method                          ? 
_reflns.phase_calculation_details                      ? 
_reflns.pdbx_Rrim_I_all                                ? 
_reflns.pdbx_Rpim_I_all                                ? 
_reflns.pdbx_d_opt                                     ? 
_reflns.pdbx_number_measured_all                       ? 
_reflns.pdbx_diffrn_id                                 1 
_reflns.pdbx_ordinal                                   1 
_reflns.pdbx_CC_half                                   ? 
_reflns.pdbx_CC_star                                   ? 
_reflns.pdbx_R_split                                   ? 
_reflns.pdbx_aniso_diffraction_limit_axis_1_ortho[1]   ? 
_reflns.pdbx_aniso_diffraction_limit_axis_1_ortho[2]   ? 
_reflns.pdbx_aniso_diffraction_limit_axis_1_ortho[3]   ? 
_reflns.pdbx_aniso_diffraction_limit_axis_2_ortho[1]   ? 
_reflns.pdbx_aniso_diffraction_limit_axis_2_ortho[2]   ? 
_reflns.pdbx_aniso_diffraction_limit_axis_2_ortho[3]   ? 
_reflns.pdbx_aniso_diffraction_limit_axis_3_ortho[1]   ? 
_reflns.pdbx_aniso_diffraction_limit_axis_3_ortho[2]   ? 
_reflns.pdbx_aniso_diffraction_limit_axis_3_ortho[3]   ? 
_reflns.pdbx_aniso_diffraction_limit_1                 ? 
_reflns.pdbx_aniso_diffraction_limit_2                 ? 
_reflns.pdbx_aniso_diffraction_limit_3                 ? 
_reflns.pdbx_aniso_B_tensor_eigenvector_1_ortho[1]     ? 
_reflns.pdbx_aniso_B_tensor_eigenvector_1_ortho[2]     ? 
_reflns.pdbx_aniso_B_tensor_eigenvector_1_ortho[3]     ? 
_reflns.pdbx_aniso_B_tensor_eigenvector_2_ortho[1]     ? 
_reflns.pdbx_aniso_B_tensor_eigenvector_2_ortho[2]     ? 
_reflns.pdbx_aniso_B_tensor_eigenvector_2_ortho[3]     ? 
_reflns.pdbx_aniso_B_tensor_eigenvector_3_ortho[1]     ? 
_reflns.pdbx_aniso_B_tensor_eigenvector_3_ortho[2]     ? 
_reflns.pdbx_aniso_B_tensor_eigenvector_3_ortho[3]     ? 
_reflns.pdbx_aniso_B_tensor_eigenvalue_1               ? 
_reflns.pdbx_aniso_B_tensor_eigenvalue_2               ? 
_reflns.pdbx_aniso_B_tensor_eigenvalue_3               ? 
_reflns.pdbx_orthogonalization_convention              ? 
_reflns.pdbx_percent_possible_ellipsoidal              ? 
_reflns.pdbx_percent_possible_spherical                ? 
_reflns.pdbx_percent_possible_ellipsoidal_anomalous    ? 
_reflns.pdbx_percent_possible_spherical_anomalous      ? 
_reflns.pdbx_redundancy_anomalous                      ? 
_reflns.pdbx_CC_half_anomalous                         ? 
_reflns.pdbx_absDiff_over_sigma_anomalous              ? 
_reflns.pdbx_percent_possible_anomalous                ? 
_reflns.pdbx_observed_signal_threshold                 ? 
_reflns.pdbx_signal_type                               ? 
_reflns.pdbx_signal_details                            ? 
_reflns.pdbx_signal_software_id                        ? 
# 
loop_
_reflns_shell.d_res_high 
_reflns_shell.d_res_low 
_reflns_shell.meanI_over_sigI_all 
_reflns_shell.meanI_over_sigI_obs 
_reflns_shell.number_measured_all 
_reflns_shell.number_measured_obs 
_reflns_shell.number_possible 
_reflns_shell.number_unique_all 
_reflns_shell.number_unique_obs 
_reflns_shell.percent_possible_all 
_reflns_shell.percent_possible_obs 
_reflns_shell.Rmerge_F_all 
_reflns_shell.Rmerge_F_obs 
_reflns_shell.Rmerge_I_all 
_reflns_shell.Rmerge_I_obs 
_reflns_shell.meanI_over_sigI_gt 
_reflns_shell.meanI_over_uI_all 
_reflns_shell.meanI_over_uI_gt 
_reflns_shell.number_measured_gt 
_reflns_shell.number_unique_gt 
_reflns_shell.percent_possible_gt 
_reflns_shell.Rmerge_F_gt 
_reflns_shell.Rmerge_I_gt 
_reflns_shell.pdbx_redundancy 
_reflns_shell.pdbx_Rsym_value 
_reflns_shell.pdbx_chi_squared 
_reflns_shell.pdbx_netI_over_sigmaI_all 
_reflns_shell.pdbx_netI_over_sigmaI_obs 
_reflns_shell.pdbx_Rrim_I_all 
_reflns_shell.pdbx_Rpim_I_all 
_reflns_shell.pdbx_rejects 
_reflns_shell.pdbx_ordinal 
_reflns_shell.pdbx_diffrn_id 
_reflns_shell.pdbx_CC_half 
_reflns_shell.pdbx_CC_star 
_reflns_shell.pdbx_R_split 
_reflns_shell.pdbx_percent_possible_ellipsoidal 
_reflns_shell.pdbx_percent_possible_spherical 
_reflns_shell.pdbx_percent_possible_ellipsoidal_anomalous 
_reflns_shell.pdbx_percent_possible_spherical_anomalous 
_reflns_shell.pdbx_redundancy_anomalous 
_reflns_shell.pdbx_CC_half_anomalous 
_reflns_shell.pdbx_absDiff_over_sigma_anomalous 
_reflns_shell.pdbx_percent_possible_anomalous 
1.200 1.240 ? ? ? ? ? ? 2256 99.600  ? ? ? ? 0.216 ? ? ? ? ? ? ? ? 9.300  ? 0.567 ? ? ? ? ? 1  1 ? ? ? ? ? ? ? ? ? ? ? 
1.240 1.290 ? ? ? ? ? ? 2261 99.900  ? ? ? ? 0.179 ? ? ? ? ? ? ? ? 9.800  ? 0.594 ? ? ? ? ? 2  1 ? ? ? ? ? ? ? ? ? ? ? 
1.290 1.350 ? ? ? ? ? ? 2263 99.800  ? ? ? ? 0.157 ? ? ? ? ? ? ? ? 10.400 ? 0.634 ? ? ? ? ? 3  1 ? ? ? ? ? ? ? ? ? ? ? 
1.350 1.420 ? ? ? ? ? ? 2259 99.600  ? ? ? ? 0.122 ? ? ? ? ? ? ? ? 11.200 ? 0.665 ? ? ? ? ? 4  1 ? ? ? ? ? ? ? ? ? ? ? 
1.420 1.510 ? ? ? ? ? ? 2291 99.900  ? ? ? ? 0.096 ? ? ? ? ? ? ? ? 12.000 ? 0.733 ? ? ? ? ? 5  1 ? ? ? ? ? ? ? ? ? ? ? 
1.510 1.630 ? ? ? ? ? ? 2293 99.700  ? ? ? ? 0.078 ? ? ? ? ? ? ? ? 13.000 ? 0.827 ? ? ? ? ? 6  1 ? ? ? ? ? ? ? ? ? ? ? 
1.630 1.790 ? ? ? ? ? ? 2295 100.000 ? ? ? ? 0.064 ? ? ? ? ? ? ? ? 13.600 ? 0.967 ? ? ? ? ? 7  1 ? ? ? ? ? ? ? ? ? ? ? 
1.790 2.050 ? ? ? ? ? ? 2314 99.900  ? ? ? ? 0.054 ? ? ? ? ? ? ? ? 14.200 ? 1.256 ? ? ? ? ? 8  1 ? ? ? ? ? ? ? ? ? ? ? 
2.050 2.590 ? ? ? ? ? ? 2374 99.900  ? ? ? ? 0.047 ? ? ? ? ? ? ? ? 14.600 ? 1.377 ? ? ? ? ? 9  1 ? ? ? ? ? ? ? ? ? ? ? 
2.590 10    ? ? ? ? ? ? 2472 98.600  ? ? ? ? 0.041 ? ? ? ? ? ? ? ? 13.600 ? 1.362 ? ? ? ? ? 10 1 ? ? ? ? ? ? ? ? ? ? ? 
# 
_refine.aniso_B[1][1]                            ? 
_refine.aniso_B[1][2]                            ? 
_refine.aniso_B[1][3]                            ? 
_refine.aniso_B[2][2]                            ? 
_refine.aniso_B[2][3]                            ? 
_refine.aniso_B[3][3]                            ? 
_refine.B_iso_max                                34.950 
_refine.B_iso_mean                               14.6011 
_refine.B_iso_min                                3.900 
_refine.correlation_coeff_Fo_to_Fc               ? 
_refine.correlation_coeff_Fo_to_Fc_free          ? 
_refine.details                                  ? 
_refine.diff_density_max                         ? 
_refine.diff_density_max_esd                     ? 
_refine.diff_density_min                         ? 
_refine.diff_density_min_esd                     ? 
_refine.diff_density_rms                         ? 
_refine.diff_density_rms_esd                     ? 
_refine.entry_id                                 7FGN 
_refine.pdbx_refine_id                           'X-RAY DIFFRACTION' 
_refine.ls_abs_structure_details                 ? 
_refine.ls_abs_structure_Flack                   ? 
_refine.ls_abs_structure_Flack_esd               ? 
_refine.ls_abs_structure_Rogers                  ? 
_refine.ls_abs_structure_Rogers_esd              ? 
_refine.ls_d_res_high                            1.1990 
_refine.ls_d_res_low                             29.8250 
_refine.ls_extinction_coef                       ? 
_refine.ls_extinction_coef_esd                   ? 
_refine.ls_extinction_expression                 ? 
_refine.ls_extinction_method                     ? 
_refine.ls_goodness_of_fit_all                   ? 
_refine.ls_goodness_of_fit_all_esd               ? 
_refine.ls_goodness_of_fit_obs                   ? 
_refine.ls_goodness_of_fit_obs_esd               ? 
_refine.ls_hydrogen_treatment                    ? 
_refine.ls_matrix_type                           ? 
_refine.ls_number_constraints                    ? 
_refine.ls_number_parameters                     ? 
_refine.ls_number_reflns_all                     ? 
_refine.ls_number_reflns_obs                     23052 
_refine.ls_number_reflns_R_free                  1184 
_refine.ls_number_reflns_R_work                  21868 
_refine.ls_number_restraints                     ? 
_refine.ls_percent_reflns_obs                    99.6200 
_refine.ls_percent_reflns_R_free                 5.1400 
_refine.ls_R_factor_all                          ? 
_refine.ls_R_factor_obs                          0.2232 
_refine.ls_R_factor_R_free                       0.2455 
_refine.ls_R_factor_R_free_error                 ? 
_refine.ls_R_factor_R_free_error_details         ? 
_refine.ls_R_factor_R_work                       0.2221 
_refine.ls_R_Fsqd_factor_obs                     ? 
_refine.ls_R_I_factor_obs                        ? 
_refine.ls_redundancy_reflns_all                 ? 
_refine.ls_redundancy_reflns_obs                 ? 
_refine.ls_restrained_S_all                      ? 
_refine.ls_restrained_S_obs                      ? 
_refine.ls_shift_over_esd_max                    ? 
_refine.ls_shift_over_esd_mean                   ? 
_refine.ls_structure_factor_coef                 ? 
_refine.ls_weighting_details                     ? 
_refine.ls_weighting_scheme                      ? 
_refine.ls_wR_factor_all                         ? 
_refine.ls_wR_factor_obs                         ? 
_refine.ls_wR_factor_R_free                      ? 
_refine.ls_wR_factor_R_work                      ? 
_refine.occupancy_max                            ? 
_refine.occupancy_min                            ? 
_refine.solvent_model_details                    'FLAT BULK SOLVENT MODEL' 
_refine.solvent_model_param_bsol                 ? 
_refine.solvent_model_param_ksol                 ? 
_refine.pdbx_R_complete                          ? 
_refine.ls_R_factor_gt                           ? 
_refine.ls_goodness_of_fit_gt                    ? 
_refine.ls_goodness_of_fit_ref                   ? 
_refine.ls_shift_over_su_max                     ? 
_refine.ls_shift_over_su_max_lt                  ? 
_refine.ls_shift_over_su_mean                    ? 
_refine.ls_shift_over_su_mean_lt                 ? 
_refine.pdbx_ls_sigma_I                          ? 
_refine.pdbx_ls_sigma_F                          1.510 
_refine.pdbx_ls_sigma_Fsqd                       ? 
_refine.pdbx_data_cutoff_high_absF               ? 
_refine.pdbx_data_cutoff_high_rms_absF           ? 
_refine.pdbx_data_cutoff_low_absF                ? 
_refine.pdbx_isotropic_thermal_model             ? 
_refine.pdbx_ls_cross_valid_method               THROUGHOUT 
_refine.pdbx_method_to_determine_struct          SAD 
_refine.pdbx_starting_model                      ? 
_refine.pdbx_stereochemistry_target_values       ML 
_refine.pdbx_R_Free_selection_details            ? 
_refine.pdbx_stereochem_target_val_spec_case     ? 
_refine.pdbx_overall_ESU_R                       ? 
_refine.pdbx_overall_ESU_R_Free                  ? 
_refine.pdbx_solvent_vdw_probe_radii             1.1100 
_refine.pdbx_solvent_ion_probe_radii             ? 
_refine.pdbx_solvent_shrinkage_radii             0.9000 
_refine.pdbx_real_space_R                        ? 
_refine.pdbx_density_correlation                 ? 
_refine.pdbx_pd_number_of_powder_patterns        ? 
_refine.pdbx_pd_number_of_points                 ? 
_refine.pdbx_pd_meas_number_of_points            ? 
_refine.pdbx_pd_proc_ls_prof_R_factor            ? 
_refine.pdbx_pd_proc_ls_prof_wR_factor           ? 
_refine.pdbx_pd_Marquardt_correlation_coeff      ? 
_refine.pdbx_pd_Fsqrd_R_factor                   ? 
_refine.pdbx_pd_ls_matrix_band_width             ? 
_refine.pdbx_overall_phase_error                 23.0400 
_refine.pdbx_overall_SU_R_free_Cruickshank_DPI   ? 
_refine.pdbx_overall_SU_R_free_Blow_DPI          ? 
_refine.pdbx_overall_SU_R_Blow_DPI               ? 
_refine.pdbx_TLS_residual_ADP_flag               ? 
_refine.pdbx_diffrn_id                           1 
_refine.overall_SU_B                             ? 
_refine.overall_SU_ML                            0.1200 
_refine.overall_SU_R_Cruickshank_DPI             ? 
_refine.overall_SU_R_free                        ? 
_refine.overall_FOM_free_R_set                   ? 
_refine.overall_FOM_work_R_set                   ? 
_refine.pdbx_average_fsc_overall                 ? 
_refine.pdbx_average_fsc_work                    ? 
_refine.pdbx_average_fsc_free                    ? 
# 
_refine_hist.pdbx_refine_id                   'X-RAY DIFFRACTION' 
_refine_hist.cycle_id                         final 
_refine_hist.details                          ? 
_refine_hist.d_res_high                       1.1990 
_refine_hist.d_res_low                        29.8250 
_refine_hist.number_atoms_solvent             118 
_refine_hist.number_atoms_total               719 
_refine_hist.number_reflns_all                ? 
_refine_hist.number_reflns_obs                ? 
_refine_hist.number_reflns_R_free             ? 
_refine_hist.number_reflns_R_work             ? 
_refine_hist.R_factor_all                     ? 
_refine_hist.R_factor_obs                     ? 
_refine_hist.R_factor_R_free                  ? 
_refine_hist.R_factor_R_work                  ? 
_refine_hist.pdbx_number_residues_total       75 
_refine_hist.pdbx_B_iso_mean_ligand           ? 
_refine_hist.pdbx_B_iso_mean_solvent          20.49 
_refine_hist.pdbx_number_atoms_protein        601 
_refine_hist.pdbx_number_atoms_nucleic_acid   0 
_refine_hist.pdbx_number_atoms_ligand         0 
_refine_hist.pdbx_number_atoms_lipid          ? 
_refine_hist.pdbx_number_atoms_carb           ? 
_refine_hist.pdbx_pseudo_atom_details         ? 
# 
loop_
_refine_ls_shell.pdbx_refine_id 
_refine_ls_shell.d_res_high 
_refine_ls_shell.d_res_low 
_refine_ls_shell.number_reflns_all 
_refine_ls_shell.number_reflns_obs 
_refine_ls_shell.number_reflns_R_free 
_refine_ls_shell.number_reflns_R_work 
_refine_ls_shell.percent_reflns_obs 
_refine_ls_shell.percent_reflns_R_free 
_refine_ls_shell.R_factor_all 
_refine_ls_shell.R_factor_obs 
_refine_ls_shell.R_factor_R_free 
_refine_ls_shell.R_factor_R_free_error 
_refine_ls_shell.R_factor_R_work 
_refine_ls_shell.redundancy_reflns_all 
_refine_ls_shell.redundancy_reflns_obs 
_refine_ls_shell.wR_factor_all 
_refine_ls_shell.wR_factor_obs 
_refine_ls_shell.wR_factor_R_free 
_refine_ls_shell.wR_factor_R_work 
_refine_ls_shell.pdbx_R_complete 
_refine_ls_shell.pdbx_total_number_of_bins_used 
_refine_ls_shell.pdbx_phase_error 
_refine_ls_shell.pdbx_fsc_work 
_refine_ls_shell.pdbx_fsc_free 
'X-RAY DIFFRACTION' 1.1990 1.2533 . . 126 2659 99.0000  . . . 0.2649 0.0000 0.2612 . . . . . . . . . . . 
'X-RAY DIFFRACTION' 1.2533 1.3194 . . 146 2671 100.0000 . . . 0.2733 0.0000 0.2566 . . . . . . . . . . . 
'X-RAY DIFFRACTION' 1.3194 1.4021 . . 159 2694 100.0000 . . . 0.2635 0.0000 0.2468 . . . . . . . . . . . 
'X-RAY DIFFRACTION' 1.4021 1.5103 . . 176 2678 100.0000 . . . 0.2644 0.0000 0.2369 . . . . . . . . . . . 
'X-RAY DIFFRACTION' 1.5103 1.6623 . . 146 2710 100.0000 . . . 0.2309 0.0000 0.2244 . . . . . . . . . . . 
'X-RAY DIFFRACTION' 1.6623 1.9028 . . 153 2745 100.0000 . . . 0.2354 0.0000 0.2173 . . . . . . . . . . . 
'X-RAY DIFFRACTION' 1.9028 2.3972 . . 141 2791 100.0000 . . . 0.2646 0.0000 0.2183 . . . . . . . . . . . 
'X-RAY DIFFRACTION' 2.3972 10.00  . . 137 2920 99.0000  . . . 0.2277 0.0000 0.2098 . . . . . . . . . . . 
# 
_struct.entry_id                     7FGN 
_struct.title                        'The crystal structure of the FAF1 UBL1' 
_struct.pdbx_model_details           ? 
_struct.pdbx_formula_weight          ? 
_struct.pdbx_formula_weight_method   ? 
_struct.pdbx_model_type_details      ? 
_struct.pdbx_CASP_flag               N 
# 
_struct_keywords.entry_id        7FGN 
_struct_keywords.text            CHAPERONE 
_struct_keywords.pdbx_keywords   CHAPERONE 
# 
loop_
_struct_asym.id 
_struct_asym.pdbx_blank_PDB_chainid_flag 
_struct_asym.pdbx_modified 
_struct_asym.entity_id 
_struct_asym.details 
A N N 1 ? 
B N N 2 ? 
# 
_struct_ref.id                         1 
_struct_ref.db_name                    UNP 
_struct_ref.db_code                    FAF1_HUMAN 
_struct_ref.pdbx_db_accession          Q9UNN5 
_struct_ref.pdbx_db_isoform            ? 
_struct_ref.entity_id                  1 
_struct_ref.pdbx_seq_one_letter_code   MLDFRVEYRDRNVDVVLEDTCTVGEIKQILENELQIPVSKMLLKGWKTGDVEDSTVLKSLHLPKNNSLYVLTPDL 
_struct_ref.pdbx_align_begin           100 
# 
_struct_ref_seq.align_id                      1 
_struct_ref_seq.ref_id                        1 
_struct_ref_seq.pdbx_PDB_id_code              7FGN 
_struct_ref_seq.pdbx_strand_id                A 
_struct_ref_seq.seq_align_beg                 4 
_struct_ref_seq.pdbx_seq_align_beg_ins_code   ? 
_struct_ref_seq.seq_align_end                 78 
_struct_ref_seq.pdbx_seq_align_end_ins_code   ? 
_struct_ref_seq.pdbx_db_accession             Q9UNN5 
_struct_ref_seq.db_align_beg                  100 
_struct_ref_seq.pdbx_db_align_beg_ins_code    ? 
_struct_ref_seq.db_align_end                  174 
_struct_ref_seq.pdbx_db_align_end_ins_code    ? 
_struct_ref_seq.pdbx_auth_seq_align_beg       100 
_struct_ref_seq.pdbx_auth_seq_align_end       174 
# 
loop_
_struct_ref_seq_dif.align_id 
_struct_ref_seq_dif.pdbx_pdb_id_code 
_struct_ref_seq_dif.mon_id 
_struct_ref_seq_dif.pdbx_pdb_strand_id 
_struct_ref_seq_dif.seq_num 
_struct_ref_seq_dif.pdbx_pdb_ins_code 
_struct_ref_seq_dif.pdbx_seq_db_name 
_struct_ref_seq_dif.pdbx_seq_db_accession_code 
_struct_ref_seq_dif.db_mon_id 
_struct_ref_seq_dif.pdbx_seq_db_seq_num 
_struct_ref_seq_dif.details 
_struct_ref_seq_dif.pdbx_auth_seq_num 
_struct_ref_seq_dif.pdbx_ordinal 
1 7FGN GLY A 1 ? UNP Q9UNN5 ? ? 'expression tag' 97 1 
1 7FGN SER A 2 ? UNP Q9UNN5 ? ? 'expression tag' 98 2 
1 7FGN HIS A 3 ? UNP Q9UNN5 ? ? 'expression tag' 99 3 
# 
_pdbx_struct_assembly.id                   1 
_pdbx_struct_assembly.details              author_defined_assembly 
_pdbx_struct_assembly.method_details       ? 
_pdbx_struct_assembly.oligomeric_details   monomeric 
_pdbx_struct_assembly.oligomeric_count     1 
# 
loop_
_pdbx_struct_assembly_prop.biol_id 
_pdbx_struct_assembly_prop.type 
_pdbx_struct_assembly_prop.value 
_pdbx_struct_assembly_prop.details 
1 'ABSA (A^2)' 0    ? 
1 MORE         0    ? 
1 'SSA (A^2)'  4890 ? 
# 
_pdbx_struct_assembly_gen.assembly_id       1 
_pdbx_struct_assembly_gen.oper_expression   1 
_pdbx_struct_assembly_gen.asym_id_list      A,B 
# 
_pdbx_struct_assembly_auth_evidence.id                     1 
_pdbx_struct_assembly_auth_evidence.assembly_id            1 
_pdbx_struct_assembly_auth_evidence.experimental_support   'gel filtration' 
_pdbx_struct_assembly_auth_evidence.details                ? 
# 
_pdbx_struct_oper_list.id                   1 
_pdbx_struct_oper_list.type                 'identity operation' 
_pdbx_struct_oper_list.name                 1_555 
_pdbx_struct_oper_list.symmetry_operation   x,y,z 
_pdbx_struct_oper_list.matrix[1][1]         1.0000000000 
_pdbx_struct_oper_list.matrix[1][2]         0.0000000000 
_pdbx_struct_oper_list.matrix[1][3]         0.0000000000 
_pdbx_struct_oper_list.vector[1]            0.0000000000 
_pdbx_struct_oper_list.matrix[2][1]         0.0000000000 
_pdbx_struct_oper_list.matrix[2][2]         1.0000000000 
_pdbx_struct_oper_list.matrix[2][3]         0.0000000000 
_pdbx_struct_oper_list.vector[2]            0.0000000000 
_pdbx_struct_oper_list.matrix[3][1]         0.0000000000 
_pdbx_struct_oper_list.matrix[3][2]         0.0000000000 
_pdbx_struct_oper_list.matrix[3][3]         1.0000000000 
_pdbx_struct_oper_list.vector[3]            0.0000000000 
# 
loop_
_struct_conf.conf_type_id 
_struct_conf.id 
_struct_conf.pdbx_PDB_helix_id 
_struct_conf.beg_label_comp_id 
_struct_conf.beg_label_asym_id 
_struct_conf.beg_label_seq_id 
_struct_conf.pdbx_beg_PDB_ins_code 
_struct_conf.end_label_comp_id 
_struct_conf.end_label_asym_id 
_struct_conf.end_label_seq_id 
_struct_conf.pdbx_end_PDB_ins_code 
_struct_conf.beg_auth_comp_id 
_struct_conf.beg_auth_asym_id 
_struct_conf.beg_auth_seq_id 
_struct_conf.end_auth_comp_id 
_struct_conf.end_auth_asym_id 
_struct_conf.end_auth_seq_id 
_struct_conf.pdbx_PDB_helix_class 
_struct_conf.details 
_struct_conf.pdbx_PDB_helix_length 
HELX_P HELX_P1 AA1 THR A 25 ? GLN A 38 ? THR A 121 GLN A 134 1 ? 14 
HELX_P HELX_P2 AA2 PRO A 40 ? MET A 44 ? PRO A 136 MET A 140 5 ? 5  
HELX_P HELX_P3 AA3 VAL A 59 ? HIS A 64 ? VAL A 155 HIS A 160 5 ? 6  
# 
_struct_conf_type.id          HELX_P 
_struct_conf_type.criteria    ? 
_struct_conf_type.reference   ? 
# 
_struct_sheet.id               AA1 
_struct_sheet.type             ? 
_struct_sheet.number_strands   4 
_struct_sheet.details          ? 
# 
loop_
_struct_sheet_order.sheet_id 
_struct_sheet_order.range_id_1 
_struct_sheet_order.range_id_2 
_struct_sheet_order.offset 
_struct_sheet_order.sense 
AA1 1 2 ? anti-parallel 
AA1 2 3 ? parallel      
AA1 3 4 ? anti-parallel 
# 
loop_
_struct_sheet_range.sheet_id 
_struct_sheet_range.id 
_struct_sheet_range.beg_label_comp_id 
_struct_sheet_range.beg_label_asym_id 
_struct_sheet_range.beg_label_seq_id 
_struct_sheet_range.pdbx_beg_PDB_ins_code 
_struct_sheet_range.end_label_comp_id 
_struct_sheet_range.end_label_asym_id 
_struct_sheet_range.end_label_seq_id 
_struct_sheet_range.pdbx_end_PDB_ins_code 
_struct_sheet_range.beg_auth_comp_id 
_struct_sheet_range.beg_auth_asym_id 
_struct_sheet_range.beg_auth_seq_id 
_struct_sheet_range.end_auth_comp_id 
_struct_sheet_range.end_auth_asym_id 
_struct_sheet_range.end_auth_seq_id 
AA1 1 ARG A 14 ? GLU A 21 ? ARG A 110 GLU A 117 
AA1 2 MET A 4  ? TYR A 11 ? MET A 100 TYR A 107 
AA1 3 ASN A 68 ? LEU A 74 ? ASN A 164 LEU A 170 
AA1 4 LEU A 45 ? LYS A 47 ? LEU A 141 LYS A 143 
# 
loop_
_pdbx_struct_sheet_hbond.sheet_id 
_pdbx_struct_sheet_hbond.range_id_1 
_pdbx_struct_sheet_hbond.range_id_2 
_pdbx_struct_sheet_hbond.range_1_label_atom_id 
_pdbx_struct_sheet_hbond.range_1_label_comp_id 
_pdbx_struct_sheet_hbond.range_1_label_asym_id 
_pdbx_struct_sheet_hbond.range_1_label_seq_id 
_pdbx_struct_sheet_hbond.range_1_PDB_ins_code 
_pdbx_struct_sheet_hbond.range_1_auth_atom_id 
_pdbx_struct_sheet_hbond.range_1_auth_comp_id 
_pdbx_struct_sheet_hbond.range_1_auth_asym_id 
_pdbx_struct_sheet_hbond.range_1_auth_seq_id 
_pdbx_struct_sheet_hbond.range_2_label_atom_id 
_pdbx_struct_sheet_hbond.range_2_label_comp_id 
_pdbx_struct_sheet_hbond.range_2_label_asym_id 
_pdbx_struct_sheet_hbond.range_2_label_seq_id 
_pdbx_struct_sheet_hbond.range_2_PDB_ins_code 
_pdbx_struct_sheet_hbond.range_2_auth_atom_id 
_pdbx_struct_sheet_hbond.range_2_auth_comp_id 
_pdbx_struct_sheet_hbond.range_2_auth_asym_id 
_pdbx_struct_sheet_hbond.range_2_auth_seq_id 
AA1 1 2 O VAL A 18 ? O VAL A 114 N PHE A 7  ? N PHE A 103 
AA1 2 3 N ARG A 8  ? N ARG A 104 O ASN A 69 ? O ASN A 165 
AA1 3 4 O TYR A 72 ? O TYR A 168 N LYS A 47 ? N LYS A 143 
# 
_pdbx_validate_torsion.id              1 
_pdbx_validate_torsion.PDB_model_num   1 
_pdbx_validate_torsion.auth_comp_id    ASP 
_pdbx_validate_torsion.auth_asym_id    A 
_pdbx_validate_torsion.auth_seq_id     109 
_pdbx_validate_torsion.PDB_ins_code    ? 
_pdbx_validate_torsion.label_alt_id    ? 
_pdbx_validate_torsion.phi             74.35 
_pdbx_validate_torsion.psi             -1.13 
# 
loop_
_pdbx_struct_special_symmetry.id 
_pdbx_struct_special_symmetry.PDB_model_num 
_pdbx_struct_special_symmetry.auth_asym_id 
_pdbx_struct_special_symmetry.auth_comp_id 
_pdbx_struct_special_symmetry.auth_seq_id 
_pdbx_struct_special_symmetry.PDB_ins_code 
_pdbx_struct_special_symmetry.label_asym_id 
_pdbx_struct_special_symmetry.label_comp_id 
_pdbx_struct_special_symmetry.label_seq_id 
1 1 A HOH 202 ? B HOH . 
2 1 A HOH 316 ? B HOH . 
3 1 A HOH 317 ? B HOH . 
# 
_pdbx_distant_solvent_atoms.id                                1 
_pdbx_distant_solvent_atoms.PDB_model_num                     1 
_pdbx_distant_solvent_atoms.auth_atom_id                      O 
_pdbx_distant_solvent_atoms.label_alt_id                      ? 
_pdbx_distant_solvent_atoms.auth_asym_id                      A 
_pdbx_distant_solvent_atoms.auth_comp_id                      HOH 
_pdbx_distant_solvent_atoms.auth_seq_id                       318 
_pdbx_distant_solvent_atoms.PDB_ins_code                      ? 
_pdbx_distant_solvent_atoms.neighbor_macromolecule_distance   7.10 
_pdbx_distant_solvent_atoms.neighbor_ligand_distance          . 
# 
loop_
_pdbx_unobs_or_zero_occ_residues.id 
_pdbx_unobs_or_zero_occ_residues.PDB_model_num 
_pdbx_unobs_or_zero_occ_residues.polymer_flag 
_pdbx_unobs_or_zero_occ_residues.occupancy_flag 
_pdbx_unobs_or_zero_occ_residues.auth_asym_id 
_pdbx_unobs_or_zero_occ_residues.auth_comp_id 
_pdbx_unobs_or_zero_occ_residues.auth_seq_id 
_pdbx_unobs_or_zero_occ_residues.PDB_ins_code 
_pdbx_unobs_or_zero_occ_residues.label_asym_id 
_pdbx_unobs_or_zero_occ_residues.label_comp_id 
_pdbx_unobs_or_zero_occ_residues.label_seq_id 
1 1 Y 1 A PRO 172 ? A PRO 76 
2 1 Y 1 A ASP 173 ? A ASP 77 
3 1 Y 1 A LEU 174 ? A LEU 78 
# 
loop_
_chem_comp_atom.comp_id 
_chem_comp_atom.atom_id 
_chem_comp_atom.type_symbol 
_chem_comp_atom.pdbx_aromatic_flag 
_chem_comp_atom.pdbx_stereo_config 
_chem_comp_atom.pdbx_ordinal 
ARG N    N N N 1   
ARG CA   C N S 2   
ARG C    C N N 3   
ARG O    O N N 4   
ARG CB   C N N 5   
ARG CG   C N N 6   
ARG CD   C N N 7   
ARG NE   N N N 8   
ARG CZ   C N N 9   
ARG NH1  N N N 10  
ARG NH2  N N N 11  
ARG OXT  O N N 12  
ARG H    H N N 13  
ARG H2   H N N 14  
ARG HA   H N N 15  
ARG HB2  H N N 16  
ARG HB3  H N N 17  
ARG HG2  H N N 18  
ARG HG3  H N N 19  
ARG HD2  H N N 20  
ARG HD3  H N N 21  
ARG HE   H N N 22  
ARG HH11 H N N 23  
ARG HH12 H N N 24  
ARG HH21 H N N 25  
ARG HH22 H N N 26  
ARG HXT  H N N 27  
ASN N    N N N 28  
ASN CA   C N S 29  
ASN C    C N N 30  
ASN O    O N N 31  
ASN CB   C N N 32  
ASN CG   C N N 33  
ASN OD1  O N N 34  
ASN ND2  N N N 35  
ASN OXT  O N N 36  
ASN H    H N N 37  
ASN H2   H N N 38  
ASN HA   H N N 39  
ASN HB2  H N N 40  
ASN HB3  H N N 41  
ASN HD21 H N N 42  
ASN HD22 H N N 43  
ASN HXT  H N N 44  
ASP N    N N N 45  
ASP CA   C N S 46  
ASP C    C N N 47  
ASP O    O N N 48  
ASP CB   C N N 49  
ASP CG   C N N 50  
ASP OD1  O N N 51  
ASP OD2  O N N 52  
ASP OXT  O N N 53  
ASP H    H N N 54  
ASP H2   H N N 55  
ASP HA   H N N 56  
ASP HB2  H N N 57  
ASP HB3  H N N 58  
ASP HD2  H N N 59  
ASP HXT  H N N 60  
CYS N    N N N 61  
CYS CA   C N R 62  
CYS C    C N N 63  
CYS O    O N N 64  
CYS CB   C N N 65  
CYS SG   S N N 66  
CYS OXT  O N N 67  
CYS H    H N N 68  
CYS H2   H N N 69  
CYS HA   H N N 70  
CYS HB2  H N N 71  
CYS HB3  H N N 72  
CYS HG   H N N 73  
CYS HXT  H N N 74  
GLN N    N N N 75  
GLN CA   C N S 76  
GLN C    C N N 77  
GLN O    O N N 78  
GLN CB   C N N 79  
GLN CG   C N N 80  
GLN CD   C N N 81  
GLN OE1  O N N 82  
GLN NE2  N N N 83  
GLN OXT  O N N 84  
GLN H    H N N 85  
GLN H2   H N N 86  
GLN HA   H N N 87  
GLN HB2  H N N 88  
GLN HB3  H N N 89  
GLN HG2  H N N 90  
GLN HG3  H N N 91  
GLN HE21 H N N 92  
GLN HE22 H N N 93  
GLN HXT  H N N 94  
GLU N    N N N 95  
GLU CA   C N S 96  
GLU C    C N N 97  
GLU O    O N N 98  
GLU CB   C N N 99  
GLU CG   C N N 100 
GLU CD   C N N 101 
GLU OE1  O N N 102 
GLU OE2  O N N 103 
GLU OXT  O N N 104 
GLU H    H N N 105 
GLU H2   H N N 106 
GLU HA   H N N 107 
GLU HB2  H N N 108 
GLU HB3  H N N 109 
GLU HG2  H N N 110 
GLU HG3  H N N 111 
GLU HE2  H N N 112 
GLU HXT  H N N 113 
GLY N    N N N 114 
GLY CA   C N N 115 
GLY C    C N N 116 
GLY O    O N N 117 
GLY OXT  O N N 118 
GLY H    H N N 119 
GLY H2   H N N 120 
GLY HA2  H N N 121 
GLY HA3  H N N 122 
GLY HXT  H N N 123 
HIS N    N N N 124 
HIS CA   C N S 125 
HIS C    C N N 126 
HIS O    O N N 127 
HIS CB   C N N 128 
HIS CG   C Y N 129 
HIS ND1  N Y N 130 
HIS CD2  C Y N 131 
HIS CE1  C Y N 132 
HIS NE2  N Y N 133 
HIS OXT  O N N 134 
HIS H    H N N 135 
HIS H2   H N N 136 
HIS HA   H N N 137 
HIS HB2  H N N 138 
HIS HB3  H N N 139 
HIS HD1  H N N 140 
HIS HD2  H N N 141 
HIS HE1  H N N 142 
HIS HE2  H N N 143 
HIS HXT  H N N 144 
HOH O    O N N 145 
HOH H1   H N N 146 
HOH H2   H N N 147 
ILE N    N N N 148 
ILE CA   C N S 149 
ILE C    C N N 150 
ILE O    O N N 151 
ILE CB   C N S 152 
ILE CG1  C N N 153 
ILE CG2  C N N 154 
ILE CD1  C N N 155 
ILE OXT  O N N 156 
ILE H    H N N 157 
ILE H2   H N N 158 
ILE HA   H N N 159 
ILE HB   H N N 160 
ILE HG12 H N N 161 
ILE HG13 H N N 162 
ILE HG21 H N N 163 
ILE HG22 H N N 164 
ILE HG23 H N N 165 
ILE HD11 H N N 166 
ILE HD12 H N N 167 
ILE HD13 H N N 168 
ILE HXT  H N N 169 
LEU N    N N N 170 
LEU CA   C N S 171 
LEU C    C N N 172 
LEU O    O N N 173 
LEU CB   C N N 174 
LEU CG   C N N 175 
LEU CD1  C N N 176 
LEU CD2  C N N 177 
LEU OXT  O N N 178 
LEU H    H N N 179 
LEU H2   H N N 180 
LEU HA   H N N 181 
LEU HB2  H N N 182 
LEU HB3  H N N 183 
LEU HG   H N N 184 
LEU HD11 H N N 185 
LEU HD12 H N N 186 
LEU HD13 H N N 187 
LEU HD21 H N N 188 
LEU HD22 H N N 189 
LEU HD23 H N N 190 
LEU HXT  H N N 191 
LYS N    N N N 192 
LYS CA   C N S 193 
LYS C    C N N 194 
LYS O    O N N 195 
LYS CB   C N N 196 
LYS CG   C N N 197 
LYS CD   C N N 198 
LYS CE   C N N 199 
LYS NZ   N N N 200 
LYS OXT  O N N 201 
LYS H    H N N 202 
LYS H2   H N N 203 
LYS HA   H N N 204 
LYS HB2  H N N 205 
LYS HB3  H N N 206 
LYS HG2  H N N 207 
LYS HG3  H N N 208 
LYS HD2  H N N 209 
LYS HD3  H N N 210 
LYS HE2  H N N 211 
LYS HE3  H N N 212 
LYS HZ1  H N N 213 
LYS HZ2  H N N 214 
LYS HZ3  H N N 215 
LYS HXT  H N N 216 
MET N    N N N 217 
MET CA   C N S 218 
MET C    C N N 219 
MET O    O N N 220 
MET CB   C N N 221 
MET CG   C N N 222 
MET SD   S N N 223 
MET CE   C N N 224 
MET OXT  O N N 225 
MET H    H N N 226 
MET H2   H N N 227 
MET HA   H N N 228 
MET HB2  H N N 229 
MET HB3  H N N 230 
MET HG2  H N N 231 
MET HG3  H N N 232 
MET HE1  H N N 233 
MET HE2  H N N 234 
MET HE3  H N N 235 
MET HXT  H N N 236 
PHE N    N N N 237 
PHE CA   C N S 238 
PHE C    C N N 239 
PHE O    O N N 240 
PHE CB   C N N 241 
PHE CG   C Y N 242 
PHE CD1  C Y N 243 
PHE CD2  C Y N 244 
PHE CE1  C Y N 245 
PHE CE2  C Y N 246 
PHE CZ   C Y N 247 
PHE OXT  O N N 248 
PHE H    H N N 249 
PHE H2   H N N 250 
PHE HA   H N N 251 
PHE HB2  H N N 252 
PHE HB3  H N N 253 
PHE HD1  H N N 254 
PHE HD2  H N N 255 
PHE HE1  H N N 256 
PHE HE2  H N N 257 
PHE HZ   H N N 258 
PHE HXT  H N N 259 
PRO N    N N N 260 
PRO CA   C N S 261 
PRO C    C N N 262 
PRO O    O N N 263 
PRO CB   C N N 264 
PRO CG   C N N 265 
PRO CD   C N N 266 
PRO OXT  O N N 267 
PRO H    H N N 268 
PRO HA   H N N 269 
PRO HB2  H N N 270 
PRO HB3  H N N 271 
PRO HG2  H N N 272 
PRO HG3  H N N 273 
PRO HD2  H N N 274 
PRO HD3  H N N 275 
PRO HXT  H N N 276 
SER N    N N N 277 
SER CA   C N S 278 
SER C    C N N 279 
SER O    O N N 280 
SER CB   C N N 281 
SER OG   O N N 282 
SER OXT  O N N 283 
SER H    H N N 284 
SER H2   H N N 285 
SER HA   H N N 286 
SER HB2  H N N 287 
SER HB3  H N N 288 
SER HG   H N N 289 
SER HXT  H N N 290 
THR N    N N N 291 
THR CA   C N S 292 
THR C    C N N 293 
THR O    O N N 294 
THR CB   C N R 295 
THR OG1  O N N 296 
THR CG2  C N N 297 
THR OXT  O N N 298 
THR H    H N N 299 
THR H2   H N N 300 
THR HA   H N N 301 
THR HB   H N N 302 
THR HG1  H N N 303 
THR HG21 H N N 304 
THR HG22 H N N 305 
THR HG23 H N N 306 
THR HXT  H N N 307 
TRP N    N N N 308 
TRP CA   C N S 309 
TRP C    C N N 310 
TRP O    O N N 311 
TRP CB   C N N 312 
TRP CG   C Y N 313 
TRP CD1  C Y N 314 
TRP CD2  C Y N 315 
TRP NE1  N Y N 316 
TRP CE2  C Y N 317 
TRP CE3  C Y N 318 
TRP CZ2  C Y N 319 
TRP CZ3  C Y N 320 
TRP CH2  C Y N 321 
TRP OXT  O N N 322 
TRP H    H N N 323 
TRP H2   H N N 324 
TRP HA   H N N 325 
TRP HB2  H N N 326 
TRP HB3  H N N 327 
TRP HD1  H N N 328 
TRP HE1  H N N 329 
TRP HE3  H N N 330 
TRP HZ2  H N N 331 
TRP HZ3  H N N 332 
TRP HH2  H N N 333 
TRP HXT  H N N 334 
TYR N    N N N 335 
TYR CA   C N S 336 
TYR C    C N N 337 
TYR O    O N N 338 
TYR CB   C N N 339 
TYR CG   C Y N 340 
TYR CD1  C Y N 341 
TYR CD2  C Y N 342 
TYR CE1  C Y N 343 
TYR CE2  C Y N 344 
TYR CZ   C Y N 345 
TYR OH   O N N 346 
TYR OXT  O N N 347 
TYR H    H N N 348 
TYR H2   H N N 349 
TYR HA   H N N 350 
TYR HB2  H N N 351 
TYR HB3  H N N 352 
TYR HD1  H N N 353 
TYR HD2  H N N 354 
TYR HE1  H N N 355 
TYR HE2  H N N 356 
TYR HH   H N N 357 
TYR HXT  H N N 358 
VAL N    N N N 359 
VAL CA   C N S 360 
VAL C    C N N 361 
VAL O    O N N 362 
VAL CB   C N N 363 
VAL CG1  C N N 364 
VAL CG2  C N N 365 
VAL OXT  O N N 366 
VAL H    H N N 367 
VAL H2   H N N 368 
VAL HA   H N N 369 
VAL HB   H N N 370 
VAL HG11 H N N 371 
VAL HG12 H N N 372 
VAL HG13 H N N 373 
VAL HG21 H N N 374 
VAL HG22 H N N 375 
VAL HG23 H N N 376 
VAL HXT  H N N 377 
# 
loop_
_chem_comp_bond.comp_id 
_chem_comp_bond.atom_id_1 
_chem_comp_bond.atom_id_2 
_chem_comp_bond.value_order 
_chem_comp_bond.pdbx_aromatic_flag 
_chem_comp_bond.pdbx_stereo_config 
_chem_comp_bond.pdbx_ordinal 
ARG N   CA   sing N N 1   
ARG N   H    sing N N 2   
ARG N   H2   sing N N 3   
ARG CA  C    sing N N 4   
ARG CA  CB   sing N N 5   
ARG CA  HA   sing N N 6   
ARG C   O    doub N N 7   
ARG C   OXT  sing N N 8   
ARG CB  CG   sing N N 9   
ARG CB  HB2  sing N N 10  
ARG CB  HB3  sing N N 11  
ARG CG  CD   sing N N 12  
ARG CG  HG2  sing N N 13  
ARG CG  HG3  sing N N 14  
ARG CD  NE   sing N N 15  
ARG CD  HD2  sing N N 16  
ARG CD  HD3  sing N N 17  
ARG NE  CZ   sing N N 18  
ARG NE  HE   sing N N 19  
ARG CZ  NH1  sing N N 20  
ARG CZ  NH2  doub N N 21  
ARG NH1 HH11 sing N N 22  
ARG NH1 HH12 sing N N 23  
ARG NH2 HH21 sing N N 24  
ARG NH2 HH22 sing N N 25  
ARG OXT HXT  sing N N 26  
ASN N   CA   sing N N 27  
ASN N   H    sing N N 28  
ASN N   H2   sing N N 29  
ASN CA  C    sing N N 30  
ASN CA  CB   sing N N 31  
ASN CA  HA   sing N N 32  
ASN C   O    doub N N 33  
ASN C   OXT  sing N N 34  
ASN CB  CG   sing N N 35  
ASN CB  HB2  sing N N 36  
ASN CB  HB3  sing N N 37  
ASN CG  OD1  doub N N 38  
ASN CG  ND2  sing N N 39  
ASN ND2 HD21 sing N N 40  
ASN ND2 HD22 sing N N 41  
ASN OXT HXT  sing N N 42  
ASP N   CA   sing N N 43  
ASP N   H    sing N N 44  
ASP N   H2   sing N N 45  
ASP CA  C    sing N N 46  
ASP CA  CB   sing N N 47  
ASP CA  HA   sing N N 48  
ASP C   O    doub N N 49  
ASP C   OXT  sing N N 50  
ASP CB  CG   sing N N 51  
ASP CB  HB2  sing N N 52  
ASP CB  HB3  sing N N 53  
ASP CG  OD1  doub N N 54  
ASP CG  OD2  sing N N 55  
ASP OD2 HD2  sing N N 56  
ASP OXT HXT  sing N N 57  
CYS N   CA   sing N N 58  
CYS N   H    sing N N 59  
CYS N   H2   sing N N 60  
CYS CA  C    sing N N 61  
CYS CA  CB   sing N N 62  
CYS CA  HA   sing N N 63  
CYS C   O    doub N N 64  
CYS C   OXT  sing N N 65  
CYS CB  SG   sing N N 66  
CYS CB  HB2  sing N N 67  
CYS CB  HB3  sing N N 68  
CYS SG  HG   sing N N 69  
CYS OXT HXT  sing N N 70  
GLN N   CA   sing N N 71  
GLN N   H    sing N N 72  
GLN N   H2   sing N N 73  
GLN CA  C    sing N N 74  
GLN CA  CB   sing N N 75  
GLN CA  HA   sing N N 76  
GLN C   O    doub N N 77  
GLN C   OXT  sing N N 78  
GLN CB  CG   sing N N 79  
GLN CB  HB2  sing N N 80  
GLN CB  HB3  sing N N 81  
GLN CG  CD   sing N N 82  
GLN CG  HG2  sing N N 83  
GLN CG  HG3  sing N N 84  
GLN CD  OE1  doub N N 85  
GLN CD  NE2  sing N N 86  
GLN NE2 HE21 sing N N 87  
GLN NE2 HE22 sing N N 88  
GLN OXT HXT  sing N N 89  
GLU N   CA   sing N N 90  
GLU N   H    sing N N 91  
GLU N   H2   sing N N 92  
GLU CA  C    sing N N 93  
GLU CA  CB   sing N N 94  
GLU CA  HA   sing N N 95  
GLU C   O    doub N N 96  
GLU C   OXT  sing N N 97  
GLU CB  CG   sing N N 98  
GLU CB  HB2  sing N N 99  
GLU CB  HB3  sing N N 100 
GLU CG  CD   sing N N 101 
GLU CG  HG2  sing N N 102 
GLU CG  HG3  sing N N 103 
GLU CD  OE1  doub N N 104 
GLU CD  OE2  sing N N 105 
GLU OE2 HE2  sing N N 106 
GLU OXT HXT  sing N N 107 
GLY N   CA   sing N N 108 
GLY N   H    sing N N 109 
GLY N   H2   sing N N 110 
GLY CA  C    sing N N 111 
GLY CA  HA2  sing N N 112 
GLY CA  HA3  sing N N 113 
GLY C   O    doub N N 114 
GLY C   OXT  sing N N 115 
GLY OXT HXT  sing N N 116 
HIS N   CA   sing N N 117 
HIS N   H    sing N N 118 
HIS N   H2   sing N N 119 
HIS CA  C    sing N N 120 
HIS CA  CB   sing N N 121 
HIS CA  HA   sing N N 122 
HIS C   O    doub N N 123 
HIS C   OXT  sing N N 124 
HIS CB  CG   sing N N 125 
HIS CB  HB2  sing N N 126 
HIS CB  HB3  sing N N 127 
HIS CG  ND1  sing Y N 128 
HIS CG  CD2  doub Y N 129 
HIS ND1 CE1  doub Y N 130 
HIS ND1 HD1  sing N N 131 
HIS CD2 NE2  sing Y N 132 
HIS CD2 HD2  sing N N 133 
HIS CE1 NE2  sing Y N 134 
HIS CE1 HE1  sing N N 135 
HIS NE2 HE2  sing N N 136 
HIS OXT HXT  sing N N 137 
HOH O   H1   sing N N 138 
HOH O   H2   sing N N 139 
ILE N   CA   sing N N 140 
ILE N   H    sing N N 141 
ILE N   H2   sing N N 142 
ILE CA  C    sing N N 143 
ILE CA  CB   sing N N 144 
ILE CA  HA   sing N N 145 
ILE C   O    doub N N 146 
ILE C   OXT  sing N N 147 
ILE CB  CG1  sing N N 148 
ILE CB  CG2  sing N N 149 
ILE CB  HB   sing N N 150 
ILE CG1 CD1  sing N N 151 
ILE CG1 HG12 sing N N 152 
ILE CG1 HG13 sing N N 153 
ILE CG2 HG21 sing N N 154 
ILE CG2 HG22 sing N N 155 
ILE CG2 HG23 sing N N 156 
ILE CD1 HD11 sing N N 157 
ILE CD1 HD12 sing N N 158 
ILE CD1 HD13 sing N N 159 
ILE OXT HXT  sing N N 160 
LEU N   CA   sing N N 161 
LEU N   H    sing N N 162 
LEU N   H2   sing N N 163 
LEU CA  C    sing N N 164 
LEU CA  CB   sing N N 165 
LEU CA  HA   sing N N 166 
LEU C   O    doub N N 167 
LEU C   OXT  sing N N 168 
LEU CB  CG   sing N N 169 
LEU CB  HB2  sing N N 170 
LEU CB  HB3  sing N N 171 
LEU CG  CD1  sing N N 172 
LEU CG  CD2  sing N N 173 
LEU CG  HG   sing N N 174 
LEU CD1 HD11 sing N N 175 
LEU CD1 HD12 sing N N 176 
LEU CD1 HD13 sing N N 177 
LEU CD2 HD21 sing N N 178 
LEU CD2 HD22 sing N N 179 
LEU CD2 HD23 sing N N 180 
LEU OXT HXT  sing N N 181 
LYS N   CA   sing N N 182 
LYS N   H    sing N N 183 
LYS N   H2   sing N N 184 
LYS CA  C    sing N N 185 
LYS CA  CB   sing N N 186 
LYS CA  HA   sing N N 187 
LYS C   O    doub N N 188 
LYS C   OXT  sing N N 189 
LYS CB  CG   sing N N 190 
LYS CB  HB2  sing N N 191 
LYS CB  HB3  sing N N 192 
LYS CG  CD   sing N N 193 
LYS CG  HG2  sing N N 194 
LYS CG  HG3  sing N N 195 
LYS CD  CE   sing N N 196 
LYS CD  HD2  sing N N 197 
LYS CD  HD3  sing N N 198 
LYS CE  NZ   sing N N 199 
LYS CE  HE2  sing N N 200 
LYS CE  HE3  sing N N 201 
LYS NZ  HZ1  sing N N 202 
LYS NZ  HZ2  sing N N 203 
LYS NZ  HZ3  sing N N 204 
LYS OXT HXT  sing N N 205 
MET N   CA   sing N N 206 
MET N   H    sing N N 207 
MET N   H2   sing N N 208 
MET CA  C    sing N N 209 
MET CA  CB   sing N N 210 
MET CA  HA   sing N N 211 
MET C   O    doub N N 212 
MET C   OXT  sing N N 213 
MET CB  CG   sing N N 214 
MET CB  HB2  sing N N 215 
MET CB  HB3  sing N N 216 
MET CG  SD   sing N N 217 
MET CG  HG2  sing N N 218 
MET CG  HG3  sing N N 219 
MET SD  CE   sing N N 220 
MET CE  HE1  sing N N 221 
MET CE  HE2  sing N N 222 
MET CE  HE3  sing N N 223 
MET OXT HXT  sing N N 224 
PHE N   CA   sing N N 225 
PHE N   H    sing N N 226 
PHE N   H2   sing N N 227 
PHE CA  C    sing N N 228 
PHE CA  CB   sing N N 229 
PHE CA  HA   sing N N 230 
PHE C   O    doub N N 231 
PHE C   OXT  sing N N 232 
PHE CB  CG   sing N N 233 
PHE CB  HB2  sing N N 234 
PHE CB  HB3  sing N N 235 
PHE CG  CD1  doub Y N 236 
PHE CG  CD2  sing Y N 237 
PHE CD1 CE1  sing Y N 238 
PHE CD1 HD1  sing N N 239 
PHE CD2 CE2  doub Y N 240 
PHE CD2 HD2  sing N N 241 
PHE CE1 CZ   doub Y N 242 
PHE CE1 HE1  sing N N 243 
PHE CE2 CZ   sing Y N 244 
PHE CE2 HE2  sing N N 245 
PHE CZ  HZ   sing N N 246 
PHE OXT HXT  sing N N 247 
PRO N   CA   sing N N 248 
PRO N   CD   sing N N 249 
PRO N   H    sing N N 250 
PRO CA  C    sing N N 251 
PRO CA  CB   sing N N 252 
PRO CA  HA   sing N N 253 
PRO C   O    doub N N 254 
PRO C   OXT  sing N N 255 
PRO CB  CG   sing N N 256 
PRO CB  HB2  sing N N 257 
PRO CB  HB3  sing N N 258 
PRO CG  CD   sing N N 259 
PRO CG  HG2  sing N N 260 
PRO CG  HG3  sing N N 261 
PRO CD  HD2  sing N N 262 
PRO CD  HD3  sing N N 263 
PRO OXT HXT  sing N N 264 
SER N   CA   sing N N 265 
SER N   H    sing N N 266 
SER N   H2   sing N N 267 
SER CA  C    sing N N 268 
SER CA  CB   sing N N 269 
SER CA  HA   sing N N 270 
SER C   O    doub N N 271 
SER C   OXT  sing N N 272 
SER CB  OG   sing N N 273 
SER CB  HB2  sing N N 274 
SER CB  HB3  sing N N 275 
SER OG  HG   sing N N 276 
SER OXT HXT  sing N N 277 
THR N   CA   sing N N 278 
THR N   H    sing N N 279 
THR N   H2   sing N N 280 
THR CA  C    sing N N 281 
THR CA  CB   sing N N 282 
THR CA  HA   sing N N 283 
THR C   O    doub N N 284 
THR C   OXT  sing N N 285 
THR CB  OG1  sing N N 286 
THR CB  CG2  sing N N 287 
THR CB  HB   sing N N 288 
THR OG1 HG1  sing N N 289 
THR CG2 HG21 sing N N 290 
THR CG2 HG22 sing N N 291 
THR CG2 HG23 sing N N 292 
THR OXT HXT  sing N N 293 
TRP N   CA   sing N N 294 
TRP N   H    sing N N 295 
TRP N   H2   sing N N 296 
TRP CA  C    sing N N 297 
TRP CA  CB   sing N N 298 
TRP CA  HA   sing N N 299 
TRP C   O    doub N N 300 
TRP C   OXT  sing N N 301 
TRP CB  CG   sing N N 302 
TRP CB  HB2  sing N N 303 
TRP CB  HB3  sing N N 304 
TRP CG  CD1  doub Y N 305 
TRP CG  CD2  sing Y N 306 
TRP CD1 NE1  sing Y N 307 
TRP CD1 HD1  sing N N 308 
TRP CD2 CE2  doub Y N 309 
TRP CD2 CE3  sing Y N 310 
TRP NE1 CE2  sing Y N 311 
TRP NE1 HE1  sing N N 312 
TRP CE2 CZ2  sing Y N 313 
TRP CE3 CZ3  doub Y N 314 
TRP CE3 HE3  sing N N 315 
TRP CZ2 CH2  doub Y N 316 
TRP CZ2 HZ2  sing N N 317 
TRP CZ3 CH2  sing Y N 318 
TRP CZ3 HZ3  sing N N 319 
TRP CH2 HH2  sing N N 320 
TRP OXT HXT  sing N N 321 
TYR N   CA   sing N N 322 
TYR N   H    sing N N 323 
TYR N   H2   sing N N 324 
TYR CA  C    sing N N 325 
TYR CA  CB   sing N N 326 
TYR CA  HA   sing N N 327 
TYR C   O    doub N N 328 
TYR C   OXT  sing N N 329 
TYR CB  CG   sing N N 330 
TYR CB  HB2  sing N N 331 
TYR CB  HB3  sing N N 332 
TYR CG  CD1  doub Y N 333 
TYR CG  CD2  sing Y N 334 
TYR CD1 CE1  sing Y N 335 
TYR CD1 HD1  sing N N 336 
TYR CD2 CE2  doub Y N 337 
TYR CD2 HD2  sing N N 338 
TYR CE1 CZ   doub Y N 339 
TYR CE1 HE1  sing N N 340 
TYR CE2 CZ   sing Y N 341 
TYR CE2 HE2  sing N N 342 
TYR CZ  OH   sing N N 343 
TYR OH  HH   sing N N 344 
TYR OXT HXT  sing N N 345 
VAL N   CA   sing N N 346 
VAL N   H    sing N N 347 
VAL N   H2   sing N N 348 
VAL CA  C    sing N N 349 
VAL CA  CB   sing N N 350 
VAL CA  HA   sing N N 351 
VAL C   O    doub N N 352 
VAL C   OXT  sing N N 353 
VAL CB  CG1  sing N N 354 
VAL CB  CG2  sing N N 355 
VAL CB  HB   sing N N 356 
VAL CG1 HG11 sing N N 357 
VAL CG1 HG12 sing N N 358 
VAL CG1 HG13 sing N N 359 
VAL CG2 HG21 sing N N 360 
VAL CG2 HG22 sing N N 361 
VAL CG2 HG23 sing N N 362 
VAL OXT HXT  sing N N 363 
# 
_atom_sites.entry_id                    7FGN 
_atom_sites.Cartn_transf_matrix[1][1]   ? 
_atom_sites.Cartn_transf_matrix[1][2]   ? 
_atom_sites.Cartn_transf_matrix[1][3]   ? 
_atom_sites.Cartn_transf_matrix[2][1]   ? 
_atom_sites.Cartn_transf_matrix[2][2]   ? 
_atom_sites.Cartn_transf_matrix[2][3]   ? 
_atom_sites.Cartn_transf_matrix[3][1]   ? 
_atom_sites.Cartn_transf_matrix[3][2]   ? 
_atom_sites.Cartn_transf_matrix[3][3]   ? 
_atom_sites.Cartn_transf_vector[1]      ? 
_atom_sites.Cartn_transf_vector[2]      ? 
_atom_sites.Cartn_transf_vector[3]      ? 
_atom_sites.fract_transf_matrix[1][1]   -0.01133657 
_atom_sites.fract_transf_matrix[1][2]   0.00455935 
_atom_sites.fract_transf_matrix[1][3]   0.00933689 
_atom_sites.fract_transf_matrix[2][1]   0.00709781 
_atom_sites.fract_transf_matrix[2][2]   -0.00669399 
_atom_sites.fract_transf_matrix[2][3]   0.01188673 
_atom_sites.fract_transf_matrix[3][1]   0.01470288 
_atom_sites.fract_transf_matrix[3][2]   0.02532774 
_atom_sites.fract_transf_matrix[3][3]   0.00548387 
_atom_sites.fract_transf_vector[1]      0.264891 
_atom_sites.fract_transf_vector[2]      -0.030284 
_atom_sites.fract_transf_vector[3]      0.375372 
_atom_sites.solution_primary            ? 
_atom_sites.solution_secondary          ? 
_atom_sites.solution_hydrogens          ? 
_atom_sites.special_details             ? 
# 
loop_
_atom_type.symbol 
C 
N 
O 
S 
# 
loop_
_atom_site.group_PDB 
_atom_site.id 
_atom_site.type_symbol 
_atom_site.label_atom_id 
_atom_site.label_alt_id 
_atom_site.label_comp_id 
_atom_site.label_asym_id 
_atom_site.label_entity_id 
_atom_site.label_seq_id 
_atom_site.pdbx_PDB_ins_code 
_atom_site.Cartn_x 
_atom_site.Cartn_y 
_atom_site.Cartn_z 
_atom_site.occupancy 
_atom_site.B_iso_or_equiv 
_atom_site.pdbx_formal_charge 
_atom_site.auth_seq_id 
_atom_site.auth_comp_id 
_atom_site.auth_asym_id 
_atom_site.auth_atom_id 
_atom_site.pdbx_PDB_model_num 
ATOM   1   N N   . GLY A 1 1  ? -13.254 3.029   7.879   1.00 21.70 ? 97  GLY A N   1 
ATOM   2   C CA  . GLY A 1 1  ? -14.581 3.601   7.736   1.00 20.87 ? 97  GLY A CA  1 
ATOM   3   C C   . GLY A 1 1  ? -15.241 3.387   6.384   1.00 21.94 ? 97  GLY A C   1 
ATOM   4   O O   . GLY A 1 1  ? -15.057 2.348   5.743   1.00 23.84 ? 97  GLY A O   1 
ATOM   5   N N   . SER A 1 2  ? -16.015 4.389   5.953   1.00 22.83 ? 98  SER A N   1 
ATOM   6   C CA  . SER A 1 2  ? -16.761 4.304   4.701   1.00 21.62 ? 98  SER A CA  1 
ATOM   7   C C   . SER A 1 2  ? -15.885 4.552   3.475   1.00 20.19 ? 98  SER A C   1 
ATOM   8   O O   . SER A 1 2  ? -16.081 3.903   2.439   1.00 20.56 ? 98  SER A O   1 
ATOM   9   C CB  . SER A 1 2  ? -17.927 5.303   4.733   1.00 21.24 ? 98  SER A CB  1 
ATOM   10  O OG  . SER A 1 2  ? -18.571 5.415   3.471   1.00 27.02 ? 98  SER A OG  1 
ATOM   11  N N   . HIS A 1 3  ? -14.938 5.487   3.575   1.00 20.55 ? 99  HIS A N   1 
ATOM   12  C CA  . HIS A 1 3  ? -14.117 5.909   2.445   1.00 18.77 ? 99  HIS A CA  1 
ATOM   13  C C   . HIS A 1 3  ? -13.065 4.848   2.141   1.00 15.64 ? 99  HIS A C   1 
ATOM   14  O O   . HIS A 1 3  ? -12.299 4.448   3.029   1.00 17.11 ? 99  HIS A O   1 
ATOM   15  C CB  . HIS A 1 3  ? -13.447 7.241   2.777   1.00 17.47 ? 99  HIS A CB  1 
ATOM   16  C CG  . HIS A 1 3  ? -12.903 7.962   1.582   1.00 22.00 ? 99  HIS A CG  1 
ATOM   17  N ND1 . HIS A 1 3  ? -13.241 9.264   1.278   1.00 25.27 ? 99  HIS A ND1 1 
ATOM   18  C CD2 . HIS A 1 3  ? -12.024 7.574   0.628   1.00 18.18 ? 99  HIS A CD2 1 
ATOM   19  C CE1 . HIS A 1 3  ? -12.603 9.643   0.184   1.00 22.39 ? 99  HIS A CE1 1 
ATOM   20  N NE2 . HIS A 1 3  ? -11.860 8.634   -0.233  1.00 22.29 ? 99  HIS A NE2 1 
ATOM   21  N N   . MET A 1 4  ? -13.009 4.409   0.882   1.00 11.05 ? 100 MET A N   1 
ATOM   22  C CA  . MET A 1 4  ? -12.201 3.263   0.498   1.00 9.11  ? 100 MET A CA  1 
ATOM   23  C C   . MET A 1 4  ? -11.200 3.639   -0.585  1.00 10.01 ? 100 MET A C   1 
ATOM   24  O O   . MET A 1 4  ? -11.538 4.323   -1.553  1.00 12.68 ? 100 MET A O   1 
ATOM   25  C CB  . MET A 1 4  ? -13.086 2.108   0.027   1.00 11.94 ? 100 MET A CB  1 
ATOM   26  C CG  . MET A 1 4  ? -14.086 1.580   1.073   1.00 15.26 ? 100 MET A CG  1 
ATOM   27  S SD  . MET A 1 4  ? -13.329 0.877   2.576   1.00 9.27  ? 100 MET A SD  1 
ATOM   28  C CE  . MET A 1 4  ? -12.517 -0.550  1.836   1.00 18.20 ? 100 MET A CE  1 
ATOM   29  N N   . LEU A 1 5  ? -9.971  3.166   -0.422  1.00 8.15  ? 101 LEU A N   1 
ATOM   30  C CA  . LEU A 1 5  ? -8.890  3.463   -1.348  1.00 8.43  ? 101 LEU A CA  1 
ATOM   31  C C   . LEU A 1 5  ? -8.424  2.187   -2.028  1.00 8.96  ? 101 LEU A C   1 
ATOM   32  O O   . LEU A 1 5  ? -8.246  1.155   -1.378  1.00 11.04 ? 101 LEU A O   1 
ATOM   33  C CB  . LEU A 1 5  ? -7.701  4.114   -0.636  1.00 8.25  ? 101 LEU A CB  1 
ATOM   34  C CG  . LEU A 1 5  ? -8.018  5.419   0.088   1.00 8.65  ? 101 LEU A CG  1 
ATOM   35  C CD1 . LEU A 1 5  ? -6.805  5.857   0.872   1.00 10.06 ? 101 LEU A CD1 1 
ATOM   36  C CD2 . LEU A 1 5  ? -8.470  6.510   -0.882  1.00 10.01 ? 101 LEU A CD2 1 
ATOM   37  N N   . ASP A 1 6  ? -8.221  2.277   -3.334  1.00 8.89  ? 102 ASP A N   1 
ATOM   38  C CA  . ASP A 1 6  ? -7.703  1.173   -4.129  1.00 8.73  ? 102 ASP A CA  1 
ATOM   39  C C   . ASP A 1 6  ? -6.225  1.371   -4.419  1.00 9.93  ? 102 ASP A C   1 
ATOM   40  O O   . ASP A 1 6  ? -5.810  2.459   -4.834  1.00 10.69 ? 102 ASP A O   1 
ATOM   41  C CB  . ASP A 1 6  ? -8.460  1.068   -5.446  1.00 11.45 ? 102 ASP A CB  1 
ATOM   42  C CG  . ASP A 1 6  ? -9.881  0.625   -5.246  1.00 15.16 ? 102 ASP A CG  1 
ATOM   43  O OD1 . ASP A 1 6  ? -10.106 -0.591  -5.094  1.00 19.20 ? 102 ASP A OD1 1 
ATOM   44  O OD2 . ASP A 1 6  ? -10.763 1.490   -5.220  1.00 16.70 ? 102 ASP A OD2 1 
ATOM   45  N N   . PHE A 1 7  ? -5.438  0.321   -4.207  1.00 8.18  ? 103 PHE A N   1 
ATOM   46  C CA  . PHE A 1 7  ? -4.024  0.322   -4.558  1.00 9.20  ? 103 PHE A CA  1 
ATOM   47  C C   . PHE A 1 7  ? -3.728  -0.836  -5.490  1.00 11.12 ? 103 PHE A C   1 
ATOM   48  O O   . PHE A 1 7  ? -3.873  -2.003  -5.106  1.00 12.28 ? 103 PHE A O   1 
ATOM   49  C CB  . PHE A 1 7  ? -3.151  0.221   -3.317  1.00 8.81  ? 103 PHE A CB  1 
ATOM   50  C CG  . PHE A 1 7  ? -3.284  1.400   -2.433  1.00 8.48  ? 103 PHE A CG  1 
ATOM   51  C CD1 . PHE A 1 7  ? -4.250  1.423   -1.445  1.00 9.30  ? 103 PHE A CD1 1 
ATOM   52  C CD2 . PHE A 1 7  ? -2.484  2.512   -2.611  1.00 10.26 ? 103 PHE A CD2 1 
ATOM   53  C CE1 . PHE A 1 7  ? -4.398  2.534   -0.637  1.00 9.85  ? 103 PHE A CE1 1 
ATOM   54  C CE2 . PHE A 1 7  ? -2.638  3.619   -1.807  1.00 11.60 ? 103 PHE A CE2 1 
ATOM   55  C CZ  . PHE A 1 7  ? -3.589  3.624   -0.829  1.00 11.12 ? 103 PHE A CZ  1 
ATOM   56  N N   . ARG A 1 8  ? -3.289  -0.513  -6.697  1.00 8.92  ? 104 ARG A N   1 
ATOM   57  C CA  . ARG A 1 8  ? -2.787  -1.512  -7.633  1.00 9.43  ? 104 ARG A CA  1 
ATOM   58  C C   . ARG A 1 8  ? -1.283  -1.605  -7.416  1.00 9.24  ? 104 ARG A C   1 
ATOM   59  O O   . ARG A 1 8  ? -0.554  -0.645  -7.671  1.00 9.08  ? 104 ARG A O   1 
ATOM   60  C CB  . ARG A 1 8  ? -3.123  -1.107  -9.064  1.00 15.64 ? 104 ARG A CB  1 
ATOM   61  C CG  . ARG A 1 8  ? -2.596  -2.066  -10.114 1.00 20.17 ? 104 ARG A CG  1 
ATOM   62  C CD  . ARG A 1 8  ? -3.513  -2.107  -11.322 1.00 21.83 ? 104 ARG A CD  1 
ATOM   63  N NE  . ARG A 1 8  ? -4.683  -2.944  -11.082 1.00 27.90 ? 104 ARG A NE  1 
ATOM   64  C CZ  . ARG A 1 8  ? -5.667  -3.113  -11.956 1.00 27.68 ? 104 ARG A CZ  1 
ATOM   65  N NH1 . ARG A 1 8  ? -5.627  -2.495  -13.130 1.00 34.12 ? 104 ARG A NH1 1 
ATOM   66  N NH2 . ARG A 1 8  ? -6.697  -3.895  -11.657 1.00 31.96 ? 104 ARG A NH2 1 
ATOM   67  N N   . VAL A 1 9  ? -0.820  -2.743  -6.913  1.00 8.65  ? 105 VAL A N   1 
ATOM   68  C CA  . VAL A 1 9  ? 0.562   -2.898  -6.471  1.00 9.00  ? 105 VAL A CA  1 
ATOM   69  C C   . VAL A 1 9  ? 1.272   -3.834  -7.437  1.00 8.48  ? 105 VAL A C   1 
ATOM   70  O O   . VAL A 1 9  ? 0.880   -4.996  -7.578  1.00 9.92  ? 105 VAL A O   1 
ATOM   71  C CB  . VAL A 1 9  ? 0.651   -3.421  -5.029  1.00 8.44  ? 105 VAL A CB  1 
ATOM   72  C CG1 . VAL A 1 9  ? 2.108   -3.509  -4.632  1.00 8.85  ? 105 VAL A CG1 1 
ATOM   73  C CG2 . VAL A 1 9  ? -0.159  -2.542  -4.055  1.00 8.31  ? 105 VAL A CG2 1 
ATOM   74  N N   . GLU A 1 10 ? 2.326   -3.342  -8.087  1.00 8.67  ? 106 GLU A N   1 
ATOM   75  C CA  . GLU A 1 10 ? 3.076   -4.139  -9.052  1.00 8.04  ? 106 GLU A CA  1 
ATOM   76  C C   . GLU A 1 10 ? 4.210   -4.889  -8.366  1.00 9.50  ? 106 GLU A C   1 
ATOM   77  O O   . GLU A 1 10 ? 4.906   -4.346  -7.507  1.00 9.94  ? 106 GLU A O   1 
ATOM   78  C CB  . GLU A 1 10 ? 3.636   -3.233  -10.155 1.00 9.70  ? 106 GLU A CB  1 
ATOM   79  C CG  . GLU A 1 10 ? 4.327   -3.974  -11.300 1.00 10.95 ? 106 GLU A CG  1 
ATOM   80  C CD  . GLU A 1 10 ? 5.786   -4.266  -11.025 1.00 11.80 ? 106 GLU A CD  1 
ATOM   81  O OE1 . GLU A 1 10 ? 6.440   -3.473  -10.328 1.00 11.49 ? 106 GLU A OE1 1 
ATOM   82  O OE2 . GLU A 1 10 ? 6.296   -5.304  -11.517 1.00 13.29 ? 106 GLU A OE2 1 
ATOM   83  N N   . TYR A 1 11 ? 4.408   -6.144  -8.779  1.00 9.71  ? 107 TYR A N   1 
ATOM   84  C CA  . TYR A 1 11 ? 5.542   -6.948  -8.327  1.00 11.08 ? 107 TYR A CA  1 
ATOM   85  C C   . TYR A 1 11 ? 5.800   -8.012  -9.377  1.00 10.93 ? 107 TYR A C   1 
ATOM   86  O O   . TYR A 1 11 ? 4.893   -8.782  -9.700  1.00 12.75 ? 107 TYR A O   1 
ATOM   87  C CB  . TYR A 1 11 ? 5.247   -7.616  -7.001  1.00 10.46 ? 107 TYR A CB  1 
ATOM   88  C CG  . TYR A 1 11 ? 6.404   -8.443  -6.483  1.00 11.03 ? 107 TYR A CG  1 
ATOM   89  C CD1 . TYR A 1 11 ? 7.628   -7.854  -6.202  1.00 11.61 ? 107 TYR A CD1 1 
ATOM   90  C CD2 . TYR A 1 11 ? 6.268   -9.809  -6.254  1.00 11.63 ? 107 TYR A CD2 1 
ATOM   91  C CE1 . TYR A 1 11 ? 8.688   -8.599  -5.714  1.00 13.27 ? 107 TYR A CE1 1 
ATOM   92  C CE2 . TYR A 1 11 ? 7.329   -10.565 -5.768  1.00 12.72 ? 107 TYR A CE2 1 
ATOM   93  C CZ  . TYR A 1 11 ? 8.531   -9.955  -5.490  1.00 13.85 ? 107 TYR A CZ  1 
ATOM   94  O OH  . TYR A 1 11 ? 9.584   -10.701 -4.998  1.00 16.10 ? 107 TYR A OH  1 
ATOM   95  N N   . ARG A 1 12 ? 7.022   -8.052  -9.911  1.00 11.41 ? 108 ARG A N   1 
ATOM   96  C CA  . ARG A 1 12 ? 7.407   -9.037  -10.924 1.00 12.83 ? 108 ARG A CA  1 
ATOM   97  C C   . ARG A 1 12 ? 6.405   -9.084  -12.072 1.00 13.26 ? 108 ARG A C   1 
ATOM   98  O O   . ARG A 1 12 ? 6.017   -10.154 -12.544 1.00 15.19 ? 108 ARG A O   1 
ATOM   99  C CB  . ARG A 1 12 ? 7.630   -10.416 -10.308 1.00 13.71 ? 108 ARG A CB  1 
ATOM   100 C CG  . ARG A 1 12 ? 8.744   -10.434 -9.304  1.00 13.98 ? 108 ARG A CG  1 
ATOM   101 C CD  . ARG A 1 12 ? 8.992   -11.826 -8.751  1.00 15.62 ? 108 ARG A CD  1 
ATOM   102 N NE  . ARG A 1 12 ? 10.175  -11.852 -7.903  1.00 19.16 ? 108 ARG A NE  1 
ATOM   103 C CZ  . ARG A 1 12 ? 10.590  -12.918 -7.225  1.00 16.14 ? 108 ARG A CZ  1 
ATOM   104 N NH1 . ARG A 1 12 ? 9.911   -14.053 -7.296  1.00 21.18 ? 108 ARG A NH1 1 
ATOM   105 N NH2 . ARG A 1 12 ? 11.681  -12.844 -6.479  1.00 20.00 ? 108 ARG A NH2 1 
ATOM   106 N N   . ASP A 1 13 ? 5.971   -7.906  -12.514 1.00 13.84 ? 109 ASP A N   1 
ATOM   107 C CA  . ASP A 1 13 ? 5.093   -7.690  -13.659 1.00 18.60 ? 109 ASP A CA  1 
ATOM   108 C C   . ASP A 1 13 ? 3.639   -8.059  -13.402 1.00 20.04 ? 109 ASP A C   1 
ATOM   109 O O   . ASP A 1 13 ? 2.813   -7.886  -14.305 1.00 23.95 ? 109 ASP A O   1 
ATOM   110 C CB  . ASP A 1 13 ? 5.592   -8.351  -14.954 1.00 19.48 ? 109 ASP A CB  1 
ATOM   111 C CG  . ASP A 1 13 ? 7.040   -8.023  -15.251 1.00 23.33 ? 109 ASP A CG  1 
ATOM   112 O OD1 . ASP A 1 13 ? 7.432   -6.853  -15.051 1.00 27.42 ? 109 ASP A OD1 1 
ATOM   113 O OD2 . ASP A 1 13 ? 7.785   -8.934  -15.678 1.00 27.28 ? 109 ASP A OD2 1 
ATOM   114 N N   . ARG A 1 14 ? 3.294   -8.551  -12.217 1.00 17.20 ? 110 ARG A N   1 
ATOM   115 C CA  . ARG A 1 14 ? 1.914   -8.854  -11.870 1.00 18.65 ? 110 ARG A CA  1 
ATOM   116 C C   . ARG A 1 14 ? 1.358   -7.768  -10.955 1.00 15.47 ? 110 ARG A C   1 
ATOM   117 O O   . ARG A 1 14 ? 2.100   -7.017  -10.320 1.00 15.54 ? 110 ARG A O   1 
ATOM   118 C CB  . ARG A 1 14 ? 1.814   -10.216 -11.178 1.00 21.16 ? 110 ARG A CB  1 
ATOM   119 C CG  . ARG A 1 14 ? 2.151   -10.177 -9.697  1.00 24.09 ? 110 ARG A CG  1 
ATOM   120 C CD  . ARG A 1 14 ? 1.999   -11.530 -9.026  1.00 28.62 ? 110 ARG A CD  1 
ATOM   121 N NE  . ARG A 1 14 ? 0.858   -11.561 -8.115  1.00 29.08 ? 110 ARG A NE  1 
ATOM   122 C CZ  . ARG A 1 14 ? 0.777   -12.345 -7.043  1.00 32.09 ? 110 ARG A CZ  1 
ATOM   123 N NH1 . ARG A 1 14 ? 1.775   -13.165 -6.739  1.00 34.94 ? 110 ARG A NH1 1 
ATOM   124 N NH2 . ARG A 1 14 ? -0.300  -12.310 -6.268  1.00 34.95 ? 110 ARG A NH2 1 
ATOM   125 N N   . ASN A 1 15 ? 0.033   -7.697  -10.892 1.00 14.51 ? 111 ASN A N   1 
ATOM   126 C CA  . ASN A 1 15 ? -0.666  -6.683  -10.114 1.00 12.65 ? 111 ASN A CA  1 
ATOM   127 C C   . ASN A 1 15 ? -1.433  -7.349  -8.987  1.00 15.37 ? 111 ASN A C   1 
ATOM   128 O O   . ASN A 1 15 ? -2.142  -8.335  -9.214  1.00 17.87 ? 111 ASN A O   1 
ATOM   129 C CB  . ASN A 1 15 ? -1.653  -5.916  -10.987 1.00 16.54 ? 111 ASN A CB  1 
ATOM   130 C CG  . ASN A 1 15 ? -0.979  -4.900  -11.871 1.00 20.86 ? 111 ASN A CG  1 
ATOM   131 O OD1 . ASN A 1 15 ? 0.054   -4.335  -11.512 1.00 21.46 ? 111 ASN A OD1 1 
ATOM   132 N ND2 . ASN A 1 15 ? -1.571  -4.644  -13.033 1.00 24.90 ? 111 ASN A ND2 1 
ATOM   133 N N   . VAL A 1 16 ? -1.278  -6.815  -7.782  1.00 13.02 ? 112 VAL A N   1 
ATOM   134 C CA  . VAL A 1 16 ? -2.098  -7.180  -6.633  1.00 15.12 ? 112 VAL A CA  1 
ATOM   135 C C   . VAL A 1 16 ? -2.978  -5.984  -6.301  1.00 11.18 ? 112 VAL A C   1 
ATOM   136 O O   . VAL A 1 16 ? -2.471  -4.886  -6.031  1.00 11.62 ? 112 VAL A O   1 
ATOM   137 C CB  . VAL A 1 16 ? -1.239  -7.576  -5.424  1.00 14.71 ? 112 VAL A CB  1 
ATOM   138 C CG1 . VAL A 1 16 ? -2.124  -7.926  -4.235  1.00 17.05 ? 112 VAL A CG1 1 
ATOM   139 C CG2 . VAL A 1 16 ? -0.322  -8.739  -5.784  1.00 18.75 ? 112 VAL A CG2 1 
ATOM   140 N N   . ASP A 1 17 ? -4.289  -6.195  -6.297  1.00 11.86 ? 113 ASP A N   1 
ATOM   141 C CA  . ASP A 1 17 ? -5.227  -5.143  -5.934  1.00 11.13 ? 113 ASP A CA  1 
ATOM   142 C C   . ASP A 1 17 ? -5.460  -5.193  -4.428  1.00 11.85 ? 113 ASP A C   1 
ATOM   143 O O   . ASP A 1 17 ? -5.927  -6.205  -3.895  1.00 14.75 ? 113 ASP A O   1 
ATOM   144 C CB  . ASP A 1 17 ? -6.535  -5.305  -6.706  1.00 12.36 ? 113 ASP A CB  1 
ATOM   145 C CG  . ASP A 1 17 ? -6.378  -4.990  -8.184  1.00 16.04 ? 113 ASP A CG  1 
ATOM   146 O OD1 . ASP A 1 17 ? -5.768  -3.955  -8.521  1.00 17.85 ? 113 ASP A OD1 1 
ATOM   147 O OD2 . ASP A 1 17 ? -6.862  -5.794  -9.006  1.00 23.98 ? 113 ASP A OD2 1 
ATOM   148 N N   . VAL A 1 18 ? -5.091  -4.115  -3.743  1.00 10.27 ? 114 VAL A N   1 
ATOM   149 C CA  . VAL A 1 18 ? -5.308  -3.957  -2.310  1.00 11.15 ? 114 VAL A CA  1 
ATOM   150 C C   . VAL A 1 18 ? -6.333  -2.844  -2.130  1.00 10.51 ? 114 VAL A C   1 
ATOM   151 O O   . VAL A 1 18 ? -6.148  -1.730  -2.634  1.00 12.86 ? 114 VAL A O   1 
ATOM   152 C CB  . VAL A 1 18 ? -4.002  -3.626  -1.571  1.00 9.05  ? 114 VAL A CB  1 
ATOM   153 C CG1 . VAL A 1 18 ? -4.274  -3.428  -0.086  1.00 12.53 ? 114 VAL A CG1 1 
ATOM   154 C CG2 . VAL A 1 18 ? -2.950  -4.724  -1.793  1.00 11.29 ? 114 VAL A CG2 1 
ATOM   155 N N   . VAL A 1 19 ? -7.412  -3.127  -1.410  1.00 9.95  ? 115 VAL A N   1 
ATOM   156 C CA  . VAL A 1 19 ? -8.438  -2.127  -1.162  1.00 11.79 ? 115 VAL A CA  1 
ATOM   157 C C   . VAL A 1 19 ? -8.657  -2.049  0.335   1.00 12.49 ? 115 VAL A C   1 
ATOM   158 O O   . VAL A 1 19 ? -8.821  -3.082  0.995   1.00 14.95 ? 115 VAL A O   1 
ATOM   159 C CB  . VAL A 1 19 ? -9.754  -2.468  -1.883  1.00 14.17 ? 115 VAL A CB  1 
ATOM   160 C CG1 . VAL A 1 19 ? -10.666 -1.258  -1.881  1.00 15.92 ? 115 VAL A CG1 1 
ATOM   161 C CG2 . VAL A 1 19 ? -9.488  -2.970  -3.297  1.00 20.18 ? 115 VAL A CG2 1 
ATOM   162 N N   . LEU A 1 20 ? -8.638  -0.838  0.875   1.00 12.20 ? 116 LEU A N   1 
ATOM   163 C CA  . LEU A 1 20 ? -8.760  -0.701  2.314   1.00 12.58 ? 116 LEU A CA  1 
ATOM   164 C C   . LEU A 1 20 ? -9.237  0.701   2.652   1.00 9.60  ? 116 LEU A C   1 
ATOM   165 O O   . LEU A 1 20 ? -9.178  1.626   1.834   1.00 10.69 ? 116 LEU A O   1 
ATOM   166 C CB  . LEU A 1 20 ? -7.465  -1.081  3.038   1.00 15.79 ? 116 LEU A CB  1 
ATOM   167 C CG  . LEU A 1 20 ? -6.277  -0.120  3.034   1.00 14.67 ? 116 LEU A CG  1 
ATOM   168 C CD1 . LEU A 1 20 ? -5.106  -0.801  3.727   1.00 11.02 ? 116 LEU A CD1 1 
ATOM   169 C CD2 . LEU A 1 20 ? -5.865  0.301   1.632   1.00 13.40 ? 116 LEU A CD2 1 
ATOM   170 N N   . GLU A 1 21 ? -9.735  0.831   3.875   1.00 10.25 ? 117 GLU A N   1 
ATOM   171 C CA  . GLU A 1 21 ? -10.276 2.095   4.334   1.00 10.31 ? 117 GLU A CA  1 
ATOM   172 C C   . GLU A 1 21 ? -9.157  3.112   4.510   1.00 8.57  ? 117 GLU A C   1 
ATOM   173 O O   . GLU A 1 21 ? -8.035  2.772   4.894   1.00 8.54  ? 117 GLU A O   1 
ATOM   174 C CB  . GLU A 1 21 ? -10.945 1.896   5.694   1.00 11.46 ? 117 GLU A CB  1 
ATOM   175 C CG  . GLU A 1 21 ? -11.987 0.785   5.750   1.00 18.75 ? 117 GLU A CG  1 
ATOM   176 C CD  . GLU A 1 21 ? -12.035 0.099   7.108   1.00 21.44 ? 117 GLU A CD  1 
ATOM   177 O OE1 . GLU A 1 21 ? -11.121 -0.708  7.405   1.00 27.07 ? 117 GLU A OE1 1 
ATOM   178 O OE2 . GLU A 1 21 ? -12.980 0.375   7.881   1.00 23.31 ? 117 GLU A OE2 1 
ATOM   179 N N   . ASP A 1 22 ? -9.498  4.386   4.311   1.00 8.10  ? 118 ASP A N   1 
ATOM   180 C CA  . ASP A 1 22 ? -8.494  5.428   4.474   1.00 8.46  ? 118 ASP A CA  1 
ATOM   181 C C   . ASP A 1 22 ? -8.092  5.634   5.929   1.00 7.73  ? 118 ASP A C   1 
ATOM   182 O O   . ASP A 1 22 ? -7.137  6.362   6.188   1.00 8.65  ? 118 ASP A O   1 
ATOM   183 C CB  . ASP A 1 22 ? -8.893  6.736   3.761   1.00 8.74  ? 118 ASP A CB  1 
ATOM   184 C CG  . ASP A 1 22 ? -10.051 7.472   4.415   1.00 9.40  ? 118 ASP A CG  1 
ATOM   185 O OD1 . ASP A 1 22 ? -10.332 8.593   3.942   1.00 10.24 ? 118 ASP A OD1 1 
ATOM   186 O OD2 . ASP A 1 22 ? -10.672 6.963   5.369   1.00 11.92 ? 118 ASP A OD2 1 
ATOM   187 N N   . THR A 1 23 ? -8.794  5.008   6.879   1.00 8.67  ? 119 THR A N   1 
ATOM   188 C CA  . THR A 1 23 ? -8.373  5.024   8.276   1.00 9.29  ? 119 THR A CA  1 
ATOM   189 C C   . THR A 1 23 ? -7.219  4.068   8.554   1.00 9.46  ? 119 THR A C   1 
ATOM   190 O O   . THR A 1 23 ? -6.618  4.137   9.631   1.00 10.90 ? 119 THR A O   1 
ATOM   191 C CB  . THR A 1 23 ? -9.553  4.692   9.188   1.00 9.80  ? 119 THR A CB  1 
ATOM   192 O OG1 . THR A 1 23 ? -10.128 3.443   8.793   1.00 13.41 ? 119 THR A OG1 1 
ATOM   193 C CG2 . THR A 1 23 ? -10.601 5.785   9.111   1.00 9.97  ? 119 THR A CG2 1 
ATOM   194 N N   . CYS A 1 24 ? -6.886  3.193   7.610   1.00 8.44  ? 120 CYS A N   1 
ATOM   195 C CA  . CYS A 1 24 ? -5.784  2.258   7.767   1.00 8.24  ? 120 CYS A CA  1 
ATOM   196 C C   . CYS A 1 24 ? -4.457  2.969   7.572   1.00 7.43  ? 120 CYS A C   1 
ATOM   197 O O   . CYS A 1 24 ? -4.388  4.076   7.025   1.00 8.08  ? 120 CYS A O   1 
ATOM   198 C CB  . CYS A 1 24 ? -5.893  1.142   6.729   1.00 8.82  ? 120 CYS A CB  1 
ATOM   199 S SG  . CYS A 1 24 ? -7.325  0.096   6.952   1.00 11.77 ? 120 CYS A SG  1 
ATOM   200 N N   . THR A 1 25 ? -3.390  2.303   7.997   1.00 8.21  ? 121 THR A N   1 
ATOM   201 C CA  . THR A 1 25 ? -2.044  2.809   7.784   1.00 8.29  ? 121 THR A CA  1 
ATOM   202 C C   . THR A 1 25 ? -1.381  2.132   6.592   1.00 7.24  ? 121 THR A C   1 
ATOM   203 O O   . THR A 1 25 ? -1.778  1.052   6.138   1.00 7.27  ? 121 THR A O   1 
ATOM   204 C CB  . THR A 1 25 ? -1.168  2.613   9.022   1.00 9.40  ? 121 THR A CB  1 
ATOM   205 O OG1 . THR A 1 25 ? -1.029  1.209   9.280   1.00 11.90 ? 121 THR A OG1 1 
ATOM   206 C CG2 . THR A 1 25 ? -1.776  3.319   10.240  1.00 11.57 ? 121 THR A CG2 1 
ATOM   207 N N   . VAL A 1 26 ? -0.320  2.786   6.119   1.00 7.83  ? 122 VAL A N   1 
ATOM   208 C CA  . VAL A 1 26 ? 0.516   2.243   5.053   1.00 7.38  ? 122 VAL A CA  1 
ATOM   209 C C   . VAL A 1 26 ? 1.004   0.844   5.404   1.00 7.72  ? 122 VAL A C   1 
ATOM   210 O O   . VAL A 1 26 ? 1.045   -0.051  4.549   1.00 8.25  ? 122 VAL A O   1 
ATOM   211 C CB  . VAL A 1 26 ? 1.684   3.209   4.784   1.00 8.51  ? 122 VAL A CB  1 
ATOM   212 C CG1 . VAL A 1 26 ? 2.726   2.552   3.906   1.00 9.86  ? 122 VAL A CG1 1 
ATOM   213 C CG2 . VAL A 1 26 ? 1.170   4.512   4.177   1.00 8.02  ? 122 VAL A CG2 1 
ATOM   214 N N   . GLY A 1 27 ? 1.409   0.641   6.660   1.00 7.75  ? 123 GLY A N   1 
ATOM   215 C CA  . GLY A 1 27 ? 1.900   -0.665  7.071   1.00 9.51  ? 123 GLY A CA  1 
ATOM   216 C C   . GLY A 1 27 ? 0.894   -1.781  6.865   1.00 8.21  ? 123 GLY A C   1 
ATOM   217 O O   . GLY A 1 27 ? 1.277   -2.941  6.672   1.00 8.75  ? 123 GLY A O   1 
ATOM   218 N N   . GLU A 1 28 ? -0.400  -1.459  6.903   1.00 7.95  ? 124 GLU A N   1 
ATOM   219 C CA  . GLU A 1 28 ? -1.410  -2.480  6.658   1.00 8.04  ? 124 GLU A CA  1 
ATOM   220 C C   . GLU A 1 28 ? -1.422  -2.920  5.202   1.00 7.00  ? 124 GLU A C   1 
ATOM   221 O O   . GLU A 1 28 ? -1.753  -4.072  4.915   1.00 7.14  ? 124 GLU A O   1 
ATOM   222 C CB  . GLU A 1 28 ? -2.778  -1.959  7.075   1.00 8.20  ? 124 GLU A CB  1 
ATOM   223 C CG  . GLU A 1 28 ? -2.899  -1.789  8.574   1.00 9.84  ? 124 GLU A CG  1 
ATOM   224 C CD  . GLU A 1 28 ? -4.287  -1.371  8.995   1.00 9.35  ? 124 GLU A CD  1 
ATOM   225 O OE1 . GLU A 1 28 ? -4.457  -0.202  9.391   1.00 10.44 ? 124 GLU A OE1 1 
ATOM   226 O OE2 . GLU A 1 28 ? -5.214  -2.200  8.910   1.00 11.18 ? 124 GLU A OE2 1 
ATOM   227 N N   . ILE A 1 29 ? -1.104  -2.019  4.267   1.00 6.76  ? 125 ILE A N   1 
ATOM   228 C CA  . ILE A 1 29 ? -0.907  -2.450  2.888   1.00 6.32  ? 125 ILE A CA  1 
ATOM   229 C C   . ILE A 1 29 ? 0.167   -3.521  2.834   1.00 7.28  ? 125 ILE A C   1 
ATOM   230 O O   . ILE A 1 29 ? 0.003   -4.552  2.173   1.00 7.91  ? 125 ILE A O   1 
ATOM   231 C CB  . ILE A 1 29 ? -0.570  -1.261  1.970   1.00 6.57  ? 125 ILE A CB  1 
ATOM   232 C CG1 . ILE A 1 29 ? -1.667  -0.194  2.026   1.00 7.01  ? 125 ILE A CG1 1 
ATOM   233 C CG2 . ILE A 1 29 ? -0.334  -1.754  0.564   1.00 8.43  ? 125 ILE A CG2 1 
ATOM   234 C CD1 . ILE A 1 29 ? -1.328  1.074   1.264   1.00 8.40  ? 125 ILE A CD1 1 
ATOM   235 N N   . LYS A 1 30 ? 1.269   -3.297  3.547   1.00 7.86  ? 126 LYS A N   1 
ATOM   236 C CA  . LYS A 1 30 ? 2.356   -4.264  3.574   1.00 8.22  ? 126 LYS A CA  1 
ATOM   237 C C   . LYS A 1 30 ? 1.929   -5.581  4.219   1.00 8.03  ? 126 LYS A C   1 
ATOM   238 O O   . LYS A 1 30 ? 2.301   -6.656  3.738   1.00 8.48  ? 126 LYS A O   1 
ATOM   239 C CB  . LYS A 1 30 ? 3.568   -3.670  4.289   1.00 9.53  ? 126 LYS A CB  1 
ATOM   240 C CG  . LYS A 1 30 ? 4.221   -2.504  3.555   1.00 11.92 ? 126 LYS A CG  1 
ATOM   241 C CD  . LYS A 1 30 ? 5.581   -2.190  4.156   1.00 15.31 ? 126 LYS A CD  1 
ATOM   242 C CE  . LYS A 1 30 ? 6.598   -3.236  3.720   1.00 16.69 ? 126 LYS A CE  1 
ATOM   243 N NZ  . LYS A 1 30 ? 8.006   -2.957  4.169   1.00 18.90 ? 126 LYS A NZ  1 
ATOM   244 N N   . GLN A 1 31 ? 1.154   -5.522  5.316   1.00 7.70  ? 127 GLN A N   1 
ATOM   245 C CA  . GLN A 1 31 ? 0.673   -6.755  5.940   1.00 7.87  ? 127 GLN A CA  1 
ATOM   246 C C   . GLN A 1 31 ? -0.178  -7.560  4.976   1.00 8.69  ? 127 GLN A C   1 
ATOM   247 O O   . GLN A 1 31 ? -0.073  -8.797  4.922   1.00 9.29  ? 127 GLN A O   1 
ATOM   248 C CB  . GLN A 1 31 ? -0.168  -6.425  7.162   1.00 9.56  ? 127 GLN A CB  1 
ATOM   249 C CG  . GLN A 1 31 ? 0.606   -5.937  8.346   1.00 9.94  ? 127 GLN A CG  1 
ATOM   250 C CD  . GLN A 1 31 ? -0.333  -5.519  9.443   1.00 11.43 ? 127 GLN A CD  1 
ATOM   251 O OE1 . GLN A 1 31 ? -0.689  -4.349  9.541   1.00 14.08 ? 127 GLN A OE1 1 
ATOM   252 N NE2 . GLN A 1 31 ? -0.787  -6.477  10.245  1.00 12.33 ? 127 GLN A NE2 1 
ATOM   253 N N   . ILE A 1 32 ? -1.033  -6.884  4.212   1.00 8.78  ? 128 ILE A N   1 
ATOM   254 C CA  . ILE A 1 32 ? -1.854  -7.582  3.236   1.00 8.27  ? 128 ILE A CA  1 
ATOM   255 C C   . ILE A 1 32 ? -0.985  -8.180  2.142   1.00 9.20  ? 128 ILE A C   1 
ATOM   256 O O   . ILE A 1 32 ? -1.176  -9.334  1.740   1.00 9.50  ? 128 ILE A O   1 
ATOM   257 C CB  . ILE A 1 32 ? -2.931  -6.643  2.671   1.00 8.52  ? 128 ILE A CB  1 
ATOM   258 C CG1 . ILE A 1 32 ? -3.964  -6.311  3.754   1.00 8.68  ? 128 ILE A CG1 1 
ATOM   259 C CG2 . ILE A 1 32 ? -3.603  -7.273  1.472   1.00 11.17 ? 128 ILE A CG2 1 
ATOM   260 C CD1 . ILE A 1 32 ? -4.921  -5.176  3.399   1.00 12.30 ? 128 ILE A CD1 1 
ATOM   261 N N   . LEU A 1 33 ? 0.003   -7.416  1.661   1.00 8.39  ? 129 LEU A N   1 
ATOM   262 C CA  . LEU A 1 33 ? 0.914   -7.924  0.634   1.00 8.52  ? 129 LEU A CA  1 
ATOM   263 C C   . LEU A 1 33 ? 1.736   -9.107  1.133   1.00 10.59 ? 129 LEU A C   1 
ATOM   264 O O   . LEU A 1 33 ? 2.051   -10.015 0.353   1.00 9.67  ? 129 LEU A O   1 
ATOM   265 C CB  . LEU A 1 33 ? 1.837   -6.809  0.149   1.00 9.08  ? 129 LEU A CB  1 
ATOM   266 C CG  . LEU A 1 33 ? 1.169   -5.708  -0.659  1.00 7.69  ? 129 LEU A CG  1 
ATOM   267 C CD1 . LEU A 1 33 ? 2.119   -4.534  -0.789  1.00 8.83  ? 129 LEU A CD1 1 
ATOM   268 C CD2 . LEU A 1 33 ? 0.757   -6.240  -2.005  1.00 10.13 ? 129 LEU A CD2 1 
ATOM   269 N N   . GLU A 1 34 ? 2.116   -9.111  2.411   1.00 9.55  ? 130 GLU A N   1 
ATOM   270 C CA  . GLU A 1 34 ? 2.832   -10.268 2.943   1.00 10.83 ? 130 GLU A CA  1 
ATOM   271 C C   . GLU A 1 34 ? 2.032   -11.553 2.739   1.00 10.15 ? 130 GLU A C   1 
ATOM   272 O O   . GLU A 1 34 ? 2.585   -12.579 2.325   1.00 11.81 ? 130 GLU A O   1 
ATOM   273 C CB  . GLU A 1 34 ? 3.188   -10.071 4.414   1.00 11.37 ? 130 GLU A CB  1 
ATOM   274 C CG  . GLU A 1 34 ? 3.605   -11.387 5.063   1.00 13.91 ? 130 GLU A CG  1 
ATOM   275 C CD  . GLU A 1 34 ? 4.341   -11.253 6.385   1.00 19.07 ? 130 GLU A CD  1 
ATOM   276 O OE1 . GLU A 1 34 ? 4.889   -10.181 6.697   1.00 19.87 ? 130 GLU A OE1 1 
ATOM   277 O OE2 . GLU A 1 34 ? 4.384   -12.262 7.121   1.00 27.99 ? 130 GLU A OE2 1 
ATOM   278 N N   . ASN A 1 35 ? 0.715   -11.498 2.964   1.00 10.90 ? 131 ASN A N   1 
ATOM   279 C CA  . ASN A 1 35 ? -0.124  -12.676 2.764   1.00 10.55 ? 131 ASN A CA  1 
ATOM   280 C C   . ASN A 1 35 ? -0.362  -12.955 1.285   1.00 13.42 ? 131 ASN A C   1 
ATOM   281 O O   . ASN A 1 35 ? -0.373  -14.118 0.863   1.00 14.73 ? 131 ASN A O   1 
ATOM   282 C CB  . ASN A 1 35 ? -1.450  -12.502 3.508   1.00 11.65 ? 131 ASN A CB  1 
ATOM   283 C CG  . ASN A 1 35 ? -1.278  -12.515 5.012   1.00 11.31 ? 131 ASN A CG  1 
ATOM   284 O OD1 . ASN A 1 35 ? -0.563  -13.354 5.560   1.00 13.10 ? 131 ASN A OD1 1 
ATOM   285 N ND2 . ASN A 1 35 ? -1.924  -11.577 5.690   1.00 10.61 ? 131 ASN A ND2 1 
ATOM   286 N N   . GLU A 1 36 ? -0.554  -11.908 0.479   1.00 11.44 ? 132 GLU A N   1 
ATOM   287 C CA  . GLU A 1 36 ? -0.841  -12.116 -0.939  1.00 12.86 ? 132 GLU A CA  1 
ATOM   288 C C   . GLU A 1 36 ? 0.372   -12.660 -1.682  1.00 13.49 ? 132 GLU A C   1 
ATOM   289 O O   . GLU A 1 36 ? 0.237   -13.528 -2.554  1.00 16.99 ? 132 GLU A O   1 
ATOM   290 C CB  . GLU A 1 36 ? -1.300  -10.815 -1.596  1.00 13.25 ? 132 GLU A CB  1 
ATOM   291 C CG  . GLU A 1 36 ? -2.533  -10.197 -0.972  1.00 16.77 ? 132 GLU A CG  1 
ATOM   292 C CD  . GLU A 1 36 ? -3.818  -10.779 -1.509  1.00 18.28 ? 132 GLU A CD  1 
ATOM   293 O OE1 . GLU A 1 36 ? -4.894  -10.367 -1.020  1.00 20.34 ? 132 GLU A OE1 1 
ATOM   294 O OE2 . GLU A 1 36 ? -3.757  -11.638 -2.419  1.00 22.25 ? 132 GLU A OE2 1 
ATOM   295 N N   . LEU A 1 37 ? 1.558   -12.150 -1.367  1.00 12.53 ? 133 LEU A N   1 
ATOM   296 C CA  . LEU A 1 37 ? 2.770   -12.477 -2.105  1.00 13.02 ? 133 LEU A CA  1 
ATOM   297 C C   . LEU A 1 37 ? 3.649   -13.499 -1.405  1.00 14.02 ? 133 LEU A C   1 
ATOM   298 O O   . LEU A 1 37 ? 4.606   -13.990 -2.020  1.00 18.04 ? 133 LEU A O   1 
ATOM   299 C CB  . LEU A 1 37 ? 3.592   -11.209 -2.341  1.00 14.74 ? 133 LEU A CB  1 
ATOM   300 C CG  . LEU A 1 37 ? 2.876   -10.141 -3.160  1.00 14.89 ? 133 LEU A CG  1 
ATOM   301 C CD1 . LEU A 1 37 ? 3.706   -8.871  -3.263  1.00 15.44 ? 133 LEU A CD1 1 
ATOM   302 C CD2 . LEU A 1 37 ? 2.539   -10.680 -4.538  1.00 17.45 ? 133 LEU A CD2 1 
ATOM   303 N N   . GLN A 1 38 ? 3.363   -13.820 -0.144  1.00 13.81 ? 134 GLN A N   1 
ATOM   304 C CA  . GLN A 1 38 ? 4.190   -14.725 0.653   1.00 16.62 ? 134 GLN A CA  1 
ATOM   305 C C   . GLN A 1 38 ? 5.622   -14.206 0.779   1.00 16.00 ? 134 GLN A C   1 
ATOM   306 O O   . GLN A 1 38 ? 6.596   -14.908 0.493   1.00 18.87 ? 134 GLN A O   1 
ATOM   307 C CB  . GLN A 1 38 ? 4.132   -16.168 0.140   1.00 16.54 ? 134 GLN A CB  1 
ATOM   308 C CG  . GLN A 1 38 ? 2.755   -16.798 0.297   1.00 19.32 ? 134 GLN A CG  1 
ATOM   309 C CD  . GLN A 1 38 ? 2.354   -16.950 1.752   1.00 21.92 ? 134 GLN A CD  1 
ATOM   310 O OE1 . GLN A 1 38 ? 3.015   -17.652 2.522   1.00 23.06 ? 134 GLN A OE1 1 
ATOM   311 N NE2 . GLN A 1 38 ? 1.275   -16.279 2.142   1.00 18.26 ? 134 GLN A NE2 1 
ATOM   312 N N   . ILE A 1 39 ? 5.738   -12.950 1.197   1.00 13.36 ? 135 ILE A N   1 
ATOM   313 C CA  . ILE A 1 39 ? 7.018   -12.285 1.420   1.00 17.22 ? 135 ILE A CA  1 
ATOM   314 C C   . ILE A 1 39 ? 6.937   -11.552 2.753   1.00 16.59 ? 135 ILE A C   1 
ATOM   315 O O   . ILE A 1 39 ? 6.007   -10.757 2.955   1.00 13.73 ? 135 ILE A O   1 
ATOM   316 C CB  . ILE A 1 39 ? 7.334   -11.285 0.297   1.00 18.52 ? 135 ILE A CB  1 
ATOM   317 C CG1 . ILE A 1 39 ? 7.276   -11.960 -1.071  1.00 18.87 ? 135 ILE A CG1 1 
ATOM   318 C CG2 . ILE A 1 39 ? 8.695   -10.636 0.528   1.00 18.29 ? 135 ILE A CG2 1 
ATOM   319 C CD1 . ILE A 1 39 ? 7.412   -10.988 -2.216  1.00 17.75 ? 135 ILE A CD1 1 
ATOM   320 N N   . PRO A 1 40 ? 7.874   -11.772 3.677   1.00 16.14 ? 136 PRO A N   1 
ATOM   321 C CA  . PRO A 1 40 ? 7.834   -11.038 4.947   1.00 17.96 ? 136 PRO A CA  1 
ATOM   322 C C   . PRO A 1 40 ? 7.952   -9.538  4.709   1.00 18.64 ? 136 PRO A C   1 
ATOM   323 O O   . PRO A 1 40 ? 8.656   -9.088  3.804   1.00 18.04 ? 136 PRO A O   1 
ATOM   324 C CB  . PRO A 1 40 ? 9.052   -11.578 5.710   1.00 19.05 ? 136 PRO A CB  1 
ATOM   325 C CG  . PRO A 1 40 ? 9.377   -12.880 5.050   1.00 21.73 ? 136 PRO A CG  1 
ATOM   326 C CD  . PRO A 1 40 ? 9.004   -12.714 3.613   1.00 18.85 ? 136 PRO A CD  1 
ATOM   327 N N   . VAL A 1 41 ? 7.250   -8.760  5.540   1.00 17.44 ? 137 VAL A N   1 
ATOM   328 C CA  . VAL A 1 41 ? 7.280   -7.305  5.386   1.00 19.10 ? 137 VAL A CA  1 
ATOM   329 C C   . VAL A 1 41 ? 8.699   -6.768  5.475   1.00 21.96 ? 137 VAL A C   1 
ATOM   330 O O   . VAL A 1 41 ? 9.055   -5.813  4.770   1.00 23.52 ? 137 VAL A O   1 
ATOM   331 C CB  . VAL A 1 41 ? 6.324   -6.595  6.368   1.00 20.27 ? 137 VAL A CB  1 
ATOM   332 C CG1 . VAL A 1 41 ? 4.893   -7.021  6.115   1.00 17.52 ? 137 VAL A CG1 1 
ATOM   333 C CG2 . VAL A 1 41 ? 6.730   -6.867  7.812   1.00 22.66 ? 137 VAL A CG2 1 
ATOM   334 N N   . SER A 1 42 ? 9.539   -7.373  6.319   1.00 22.63 ? 138 SER A N   1 
ATOM   335 C CA  . SER A 1 42 ? 10.921  -6.929  6.447   1.00 24.20 ? 138 SER A CA  1 
ATOM   336 C C   . SER A 1 42 ? 11.701  -7.078  5.148   1.00 22.93 ? 138 SER A C   1 
ATOM   337 O O   . SER A 1 42 ? 12.727  -6.411  4.975   1.00 26.94 ? 138 SER A O   1 
ATOM   338 C CB  . SER A 1 42 ? 11.621  -7.719  7.553   1.00 25.06 ? 138 SER A CB  1 
ATOM   339 O OG  . SER A 1 42 ? 12.151  -8.932  7.038   1.00 28.07 ? 138 SER A OG  1 
ATOM   340 N N   . LYS A 1 43 ? 11.245  -7.935  4.237   1.00 20.74 ? 139 LYS A N   1 
ATOM   341 C CA  . LYS A 1 43 ? 11.959  -8.206  2.999   1.00 20.55 ? 139 LYS A CA  1 
ATOM   342 C C   . LYS A 1 43 ? 11.426  -7.416  1.813   1.00 17.60 ? 139 LYS A C   1 
ATOM   343 O O   . LYS A 1 43 ? 11.904  -7.617  0.698   1.00 17.19 ? 139 LYS A O   1 
ATOM   344 C CB  . LYS A 1 43 ? 11.916  -9.705  2.670   1.00 22.86 ? 139 LYS A CB  1 
ATOM   345 C CG  . LYS A 1 43 ? 12.413  -10.616 3.780   1.00 24.90 ? 139 LYS A CG  1 
ATOM   346 C CD  . LYS A 1 43 ? 13.929  -10.670 3.838   1.00 27.11 ? 139 LYS A CD  1 
ATOM   347 C CE  . LYS A 1 43 ? 14.398  -11.803 4.747   1.00 27.70 ? 139 LYS A CE  1 
ATOM   348 N NZ  . LYS A 1 43 ? 14.663  -13.058 3.987   1.00 29.50 ? 139 LYS A NZ  1 
ATOM   349 N N   . MET A 1 44 ? 10.444  -6.540  2.021   1.00 16.26 ? 140 MET A N   1 
ATOM   350 C CA  . MET A 1 44 ? 9.826   -5.777  0.944   1.00 14.14 ? 140 MET A CA  1 
ATOM   351 C C   . MET A 1 44 ? 10.090  -4.294  1.145   1.00 14.83 ? 140 MET A C   1 
ATOM   352 O O   . MET A 1 44 ? 10.091  -3.799  2.277   1.00 15.45 ? 140 MET A O   1 
ATOM   353 C CB  . MET A 1 44 ? 8.305   -5.970  0.940   1.00 16.75 ? 140 MET A CB  1 
ATOM   354 C CG  . MET A 1 44 ? 7.782   -7.260  0.311   1.00 17.67 ? 140 MET A CG  1 
ATOM   355 S SD  . MET A 1 44 ? 5.966   -7.306  0.219   1.00 12.18 ? 140 MET A SD  1 
ATOM   356 C CE  . MET A 1 44 ? 5.588   -5.806  1.299   1.00 3.90  ? 140 MET A CE  1 
ATOM   357 N N   . LEU A 1 45 ? 10.286  -3.586  0.039   1.00 12.42 ? 141 LEU A N   1 
ATOM   358 C CA  . LEU A 1 45 ? 10.193  -2.133  0.016   1.00 10.68 ? 141 LEU A CA  1 
ATOM   359 C C   . LEU A 1 45 ? 8.933   -1.800  -0.763  1.00 11.09 ? 141 LEU A C   1 
ATOM   360 O O   . LEU A 1 45 ? 8.786   -2.223  -1.909  1.00 11.32 ? 141 LEU A O   1 
ATOM   361 C CB  . LEU A 1 45 ? 11.404  -1.525  -0.691  1.00 12.54 ? 141 LEU A CB  1 
ATOM   362 C CG  . LEU A 1 45 ? 12.774  -1.859  -0.099  1.00 12.86 ? 141 LEU A CG  1 
ATOM   363 C CD1 . LEU A 1 45 ? 13.879  -1.265  -0.956  1.00 14.35 ? 141 LEU A CD1 1 
ATOM   364 C CD2 . LEU A 1 45 ? 12.863  -1.342  1.316   1.00 15.41 ? 141 LEU A CD2 1 
ATOM   365 N N   . LEU A 1 46 ? 8.013   -1.070  -0.140  1.00 8.90  ? 142 LEU A N   1 
ATOM   366 C CA  . LEU A 1 46 ? 6.794   -0.630  -0.806  1.00 8.10  ? 142 LEU A CA  1 
ATOM   367 C C   . LEU A 1 46 ? 7.016   0.810   -1.231  1.00 7.76  ? 142 LEU A C   1 
ATOM   368 O O   . LEU A 1 46 ? 7.246   1.676   -0.384  1.00 8.31  ? 142 LEU A O   1 
ATOM   369 C CB  . LEU A 1 46 ? 5.598   -0.749  0.136   1.00 8.92  ? 142 LEU A CB  1 
ATOM   370 C CG  . LEU A 1 46 ? 4.244   -0.299  -0.410  1.00 8.15  ? 142 LEU A CG  1 
ATOM   371 C CD1 . LEU A 1 46 ? 3.841   -1.192  -1.561  1.00 9.41  ? 142 LEU A CD1 1 
ATOM   372 C CD2 . LEU A 1 46 ? 3.189   -0.335  0.680   1.00 8.20  ? 142 LEU A CD2 1 
ATOM   373 N N   . LYS A 1 47 ? 6.988   1.056   -2.539  1.00 7.67  ? 143 LYS A N   1 
ATOM   374 C CA  . LYS A 1 47 ? 7.370   2.348   -3.089  1.00 8.71  ? 143 LYS A CA  1 
ATOM   375 C C   . LYS A 1 47 ? 6.286   2.873   -4.020  1.00 7.46  ? 143 LYS A C   1 
ATOM   376 O O   . LYS A 1 47 ? 5.350   2.164   -4.390  1.00 7.98  ? 143 LYS A O   1 
ATOM   377 C CB  . LYS A 1 47 ? 8.704   2.240   -3.845  1.00 8.83  ? 143 LYS A CB  1 
ATOM   378 C CG  . LYS A 1 47 ? 9.849   1.679   -3.004  1.00 11.12 ? 143 LYS A CG  1 
ATOM   379 C CD  . LYS A 1 47 ? 11.201  1.843   -3.713  1.00 13.16 ? 143 LYS A CD  1 
ATOM   380 C CE  . LYS A 1 47 ? 11.656  3.300   -3.732  1.00 14.98 ? 143 LYS A CE  1 
ATOM   381 N NZ  . LYS A 1 47 ? 13.013  3.495   -4.319  1.00 15.58 ? 143 LYS A NZ  1 
ATOM   382 N N   . GLY A 1 48 ? 6.445   4.137   -4.414  1.00 9.12  ? 144 GLY A N   1 
ATOM   383 C CA  . GLY A 1 48 ? 5.560   4.771   -5.371  1.00 10.08 ? 144 GLY A CA  1 
ATOM   384 C C   . GLY A 1 48 ? 4.727   5.899   -4.815  1.00 10.63 ? 144 GLY A C   1 
ATOM   385 O O   . GLY A 1 48 ? 3.917   6.463   -5.557  1.00 12.24 ? 144 GLY A O   1 
ATOM   386 N N   . TRP A 1 49 ? 4.895   6.258   -3.550  1.00 9.91  ? 145 TRP A N   1 
ATOM   387 C CA  . TRP A 1 49 ? 4.145   7.381   -3.004  1.00 10.27 ? 145 TRP A CA  1 
ATOM   388 C C   . TRP A 1 49 ? 4.530   8.667   -3.719  1.00 12.20 ? 145 TRP A C   1 
ATOM   389 O O   . TRP A 1 49 ? 5.688   8.870   -4.087  1.00 14.10 ? 145 TRP A O   1 
ATOM   390 C CB  . TRP A 1 49 ? 4.419   7.498   -1.509  1.00 11.10 ? 145 TRP A CB  1 
ATOM   391 C CG  . TRP A 1 49 ? 3.996   6.252   -0.798  1.00 10.94 ? 145 TRP A CG  1 
ATOM   392 C CD1 . TRP A 1 49 ? 4.809   5.286   -0.281  1.00 10.38 ? 145 TRP A CD1 1 
ATOM   393 C CD2 . TRP A 1 49 ? 2.653   5.820   -0.560  1.00 9.26  ? 145 TRP A CD2 1 
ATOM   394 N NE1 . TRP A 1 49 ? 4.051   4.280   0.272   1.00 9.35  ? 145 TRP A NE1 1 
ATOM   395 C CE2 . TRP A 1 49 ? 2.724   4.583   0.110   1.00 8.45  ? 145 TRP A CE2 1 
ATOM   396 C CE3 . TRP A 1 49 ? 1.396   6.357   -0.853  1.00 9.80  ? 145 TRP A CE3 1 
ATOM   397 C CZ2 . TRP A 1 49 ? 1.588   3.883   0.500   1.00 9.63  ? 145 TRP A CZ2 1 
ATOM   398 C CZ3 . TRP A 1 49 ? 0.269   5.657   -0.465  1.00 9.92  ? 145 TRP A CZ3 1 
ATOM   399 C CH2 . TRP A 1 49 ? 0.371   4.434   0.201   1.00 9.66  ? 145 TRP A CH2 1 
ATOM   400 N N   . LYS A 1 50 ? 3.537   9.530   -3.939  1.00 12.65 ? 146 LYS A N   1 
ATOM   401 C CA  . LYS A 1 50 ? 3.767   10.776  -4.660  1.00 15.84 ? 146 LYS A CA  1 
ATOM   402 C C   . LYS A 1 50 ? 4.354   11.867  -3.780  1.00 17.86 ? 146 LYS A C   1 
ATOM   403 O O   . LYS A 1 50 ? 4.714   12.930  -4.295  1.00 22.62 ? 146 LYS A O   1 
ATOM   404 C CB  . LYS A 1 50 ? 2.466   11.270  -5.305  1.00 22.32 ? 146 LYS A CB  1 
ATOM   405 C CG  . LYS A 1 50 ? 1.752   10.228  -6.160  1.00 21.64 ? 146 LYS A CG  1 
ATOM   406 C CD  . LYS A 1 50 ? 0.887   10.861  -7.248  1.00 24.49 ? 146 LYS A CD  1 
ATOM   407 C CE  . LYS A 1 50 ? 0.084   9.795   -7.987  1.00 25.59 ? 146 LYS A CE  1 
ATOM   408 N NZ  . LYS A 1 50 ? -0.124  10.097  -9.434  1.00 27.15 ? 146 LYS A NZ  1 
ATOM   409 N N   . THR A 1 51 ? 4.448   11.638  -2.477  1.00 17.59 ? 147 THR A N   1 
ATOM   410 C CA  . THR A 1 51 ? 4.988   12.611  -1.543  1.00 18.12 ? 147 THR A CA  1 
ATOM   411 C C   . THR A 1 51 ? 6.049   11.933  -0.690  1.00 20.78 ? 147 THR A C   1 
ATOM   412 O O   . THR A 1 51 ? 6.162   10.703  -0.655  1.00 21.26 ? 147 THR A O   1 
ATOM   413 C CB  . THR A 1 51 ? 3.888   13.185  -0.643  1.00 20.46 ? 147 THR A CB  1 
ATOM   414 O OG1 . THR A 1 51 ? 3.289   12.122  0.107   1.00 22.13 ? 147 THR A OG1 1 
ATOM   415 C CG2 . THR A 1 51 ? 2.821   13.872  -1.478  1.00 22.19 ? 147 THR A CG2 1 
ATOM   416 N N   . GLY A 1 52 ? 6.836   12.752  0.002   1.00 22.03 ? 148 GLY A N   1 
ATOM   417 C CA  . GLY A 1 52 ? 7.833   12.249  0.915   1.00 22.63 ? 148 GLY A CA  1 
ATOM   418 C C   . GLY A 1 52 ? 7.289   12.076  2.320   1.00 18.31 ? 148 GLY A C   1 
ATOM   419 O O   . GLY A 1 52 ? 6.149   12.414  2.632   1.00 22.49 ? 148 GLY A O   1 
ATOM   420 N N   . ASP A 1 53 ? 8.142   11.525  3.180   1.00 23.50 ? 149 ASP A N   1 
ATOM   421 C CA  . ASP A 1 53 ? 7.853   11.332  4.599   1.00 20.17 ? 149 ASP A CA  1 
ATOM   422 C C   . ASP A 1 53 ? 6.733   10.320  4.851   1.00 18.40 ? 149 ASP A C   1 
ATOM   423 O O   . ASP A 1 53 ? 6.153   10.306  5.940   1.00 18.93 ? 149 ASP A O   1 
ATOM   424 C CB  . ASP A 1 53 ? 7.588   12.656  5.334   1.00 20.94 ? 149 ASP A CB  1 
ATOM   425 C CG  . ASP A 1 53 ? 8.622   13.725  5.013   1.00 23.76 ? 149 ASP A CG  1 
ATOM   426 O OD1 . ASP A 1 53 ? 8.248   14.776  4.447   1.00 29.60 ? 149 ASP A OD1 1 
ATOM   427 O OD2 . ASP A 1 53 ? 9.815   13.516  5.328   1.00 25.86 ? 149 ASP A OD2 1 
ATOM   428 N N   . VAL A 1 54 ? 6.408   9.467   3.877   1.00 15.70 ? 150 VAL A N   1 
ATOM   429 C CA  . VAL A 1 54 ? 5.436   8.398   4.103   1.00 12.63 ? 150 VAL A CA  1 
ATOM   430 C C   . VAL A 1 54 ? 6.111   7.261   4.865   1.00 13.98 ? 150 VAL A C   1 
ATOM   431 O O   . VAL A 1 54 ? 7.167   6.766   4.455   1.00 16.34 ? 150 VAL A O   1 
ATOM   432 C CB  . VAL A 1 54 ? 4.830   7.914   2.776   1.00 11.73 ? 150 VAL A CB  1 
ATOM   433 C CG1 . VAL A 1 54 ? 3.901   6.730   3.017   1.00 13.10 ? 150 VAL A CG1 1 
ATOM   434 C CG2 . VAL A 1 54 ? 4.077   9.050   2.067   1.00 12.33 ? 150 VAL A CG2 1 
ATOM   435 N N   . GLU A 1 55 ? 5.508   6.853   5.982   1.00 11.93 ? 151 GLU A N   1 
ATOM   436 C CA  . GLU A 1 55 ? 6.028   5.780   6.822   1.00 11.14 ? 151 GLU A CA  1 
ATOM   437 C C   . GLU A 1 55 ? 4.948   4.724   7.025   1.00 10.84 ? 151 GLU A C   1 
ATOM   438 O O   . GLU A 1 55 ? 3.778   4.938   6.704   1.00 9.70  ? 151 GLU A O   1 
ATOM   439 C CB  . GLU A 1 55 ? 6.509   6.314   8.181   1.00 12.23 ? 151 GLU A CB  1 
ATOM   440 C CG  . GLU A 1 55 ? 7.539   7.442   8.082   1.00 13.03 ? 151 GLU A CG  1 
ATOM   441 C CD  . GLU A 1 55 ? 8.903   6.956   7.624   1.00 15.02 ? 151 GLU A CD  1 
ATOM   442 O OE1 . GLU A 1 55 ? 9.122   5.725   7.571   1.00 15.59 ? 151 GLU A OE1 1 
ATOM   443 O OE2 . GLU A 1 55 ? 9.772   7.805   7.338   1.00 17.63 ? 151 GLU A OE2 1 
ATOM   444 N N   . ASP A 1 56 ? 5.343   3.572   7.580   1.00 11.65 ? 152 ASP A N   1 
ATOM   445 C CA  . ASP A 1 56 ? 4.376   2.505   7.843   1.00 9.77  ? 152 ASP A CA  1 
ATOM   446 C C   . ASP A 1 56 ? 3.230   2.988   8.724   1.00 9.62  ? 152 ASP A C   1 
ATOM   447 O O   . ASP A 1 56 ? 2.091   2.533   8.573   1.00 9.12  ? 152 ASP A O   1 
ATOM   448 C CB  . ASP A 1 56 ? 5.079   1.331   8.528   1.00 13.33 ? 152 ASP A CB  1 
ATOM   449 C CG  . ASP A 1 56 ? 5.931   0.523   7.581   1.00 14.83 ? 152 ASP A CG  1 
ATOM   450 O OD1 . ASP A 1 56 ? 5.882   0.777   6.365   1.00 16.05 ? 152 ASP A OD1 1 
ATOM   451 O OD2 . ASP A 1 56 ? 6.658   -0.374  8.063   1.00 19.50 ? 152 ASP A OD2 1 
ATOM   452 N N   . SER A 1 57 ? 3.505   3.904   9.646   1.00 9.30  ? 153 SER A N   1 
ATOM   453 C CA  . SER A 1 57 ? 2.486   4.411   10.550  1.00 10.67 ? 153 SER A CA  1 
ATOM   454 C C   . SER A 1 57 ? 1.659   5.544   9.956   1.00 8.89  ? 153 SER A C   1 
ATOM   455 O O   . SER A 1 57 ? 0.709   5.987   10.602  1.00 10.05 ? 153 SER A O   1 
ATOM   456 C CB  . SER A 1 57 ? 3.148   4.889   11.837  1.00 13.94 ? 153 SER A CB  1 
ATOM   457 O OG  . SER A 1 57 ? 4.162   5.822   11.515  1.00 17.75 ? 153 SER A OG  1 
ATOM   458 N N   . THR A 1 58 ? 1.981   6.024   8.759   1.00 9.84  ? 154 THR A N   1 
ATOM   459 C CA  . THR A 1 58 ? 1.170   7.072   8.150   1.00 8.79  ? 154 THR A CA  1 
ATOM   460 C C   . THR A 1 58 ? -0.257  6.578   7.929   1.00 7.35  ? 154 THR A C   1 
ATOM   461 O O   . THR A 1 58 ? -0.473  5.513   7.341   1.00 7.92  ? 154 THR A O   1 
ATOM   462 C CB  . THR A 1 58 ? 1.780   7.477   6.812   1.00 9.06  ? 154 THR A CB  1 
ATOM   463 O OG1 . THR A 1 58 ? 3.095   8.005   7.027   1.00 9.82  ? 154 THR A OG1 1 
ATOM   464 C CG2 . THR A 1 58 ? 0.918   8.525   6.121   1.00 10.39 ? 154 THR A CG2 1 
ATOM   465 N N   . VAL A 1 59 ? -1.227  7.355   8.388   1.00 8.16  ? 155 VAL A N   1 
ATOM   466 C CA  . VAL A 1 59 ? -2.630  7.046   8.146   1.00 8.17  ? 155 VAL A CA  1 
ATOM   467 C C   . VAL A 1 59 ? -2.986  7.523   6.747   1.00 7.58  ? 155 VAL A C   1 
ATOM   468 O O   . VAL A 1 59 ? -2.714  8.671   6.390   1.00 7.21  ? 155 VAL A O   1 
ATOM   469 C CB  . VAL A 1 59 ? -3.522  7.713   9.201   1.00 9.78  ? 155 VAL A CB  1 
ATOM   470 C CG1 . VAL A 1 59 ? -4.993  7.432   8.909   1.00 10.84 ? 155 VAL A CG1 1 
ATOM   471 C CG2 . VAL A 1 59 ? -3.126  7.238   10.599  1.00 12.86 ? 155 VAL A CG2 1 
ATOM   472 N N   . LEU A 1 60 ? -3.591  6.646   5.951   1.00 6.52  ? 156 LEU A N   1 
ATOM   473 C CA  . LEU A 1 60 ? -3.803  6.960   4.540   1.00 6.29  ? 156 LEU A CA  1 
ATOM   474 C C   . LEU A 1 60 ? -4.618  8.239   4.357   1.00 7.33  ? 156 LEU A C   1 
ATOM   475 O O   . LEU A 1 60 ? -4.332  9.031   3.451   1.00 6.75  ? 156 LEU A O   1 
ATOM   476 C CB  . LEU A 1 60 ? -4.453  5.770   3.835   1.00 5.95  ? 156 LEU A CB  1 
ATOM   477 C CG  . LEU A 1 60 ? -3.582  4.521   3.743   1.00 6.78  ? 156 LEU A CG  1 
ATOM   478 C CD1 . LEU A 1 60 ? -4.380  3.291   3.299   1.00 8.73  ? 156 LEU A CD1 1 
ATOM   479 C CD2 . LEU A 1 60 ? -2.412  4.752   2.815   1.00 7.80  ? 156 LEU A CD2 1 
ATOM   480 N N   . LYS A 1 61 ? -5.617  8.467   5.222   1.00 6.84  ? 157 LYS A N   1 
ATOM   481 C CA  . LYS A 1 61 ? -6.458  9.661   5.125   1.00 8.04  ? 157 LYS A CA  1 
ATOM   482 C C   . LYS A 1 61 ? -5.626  10.940  5.123   1.00 8.06  ? 157 LYS A C   1 
ATOM   483 O O   . LYS A 1 61 ? -5.971  11.910  4.432   1.00 9.53  ? 157 LYS A O   1 
ATOM   484 C CB  . LYS A 1 61 ? -7.475  9.653   6.272   1.00 9.67  ? 157 LYS A CB  1 
ATOM   485 C CG  . LYS A 1 61 ? -8.525  10.764  6.237   1.00 12.42 ? 157 LYS A CG  1 
ATOM   486 C CD  . LYS A 1 61 ? -9.749  10.399  7.092   1.00 15.43 ? 157 LYS A CD  1 
ATOM   487 C CE  . LYS A 1 61 ? -10.887 11.415  6.928   1.00 21.49 ? 157 LYS A CE  1 
ATOM   488 N NZ  . LYS A 1 61 ? -12.210 10.878  7.366   1.00 23.36 ? 157 LYS A NZ  1 
ATOM   489 N N   . SER A 1 62 ? -4.495  10.941  5.834   1.00 8.87  ? 158 SER A N   1 
ATOM   490 C CA  . SER A 1 62 ? -3.679  12.144  5.957   1.00 10.72 ? 158 SER A CA  1 
ATOM   491 C C   . SER A 1 62 ? -3.042  12.542  4.635   1.00 9.65  ? 158 SER A C   1 
ATOM   492 O O   . SER A 1 62 ? -2.557  13.673  4.509   1.00 12.28 ? 158 SER A O   1 
ATOM   493 C CB  . SER A 1 62 ? -2.604  11.954  7.029   1.00 11.60 ? 158 SER A CB  1 
ATOM   494 O OG  . SER A 1 62 ? -1.559  11.116  6.573   1.00 12.67 ? 158 SER A OG  1 
ATOM   495 N N   . LEU A 1 63 ? -3.017  11.635  3.660   1.00 8.43  ? 159 LEU A N   1 
ATOM   496 C CA  . LEU A 1 63 ? -2.479  11.897  2.335   1.00 8.92  ? 159 LEU A CA  1 
ATOM   497 C C   . LEU A 1 63 ? -3.537  12.407  1.365   1.00 8.62  ? 159 LEU A C   1 
ATOM   498 O O   . LEU A 1 63 ? -3.192  12.831  0.257   1.00 9.16  ? 159 LEU A O   1 
ATOM   499 C CB  . LEU A 1 63 ? -1.831  10.620  1.777   1.00 8.44  ? 159 LEU A CB  1 
ATOM   500 C CG  . LEU A 1 63 ? -0.689  10.072  2.640   1.00 8.84  ? 159 LEU A CG  1 
ATOM   501 C CD1 . LEU A 1 63 ? -0.144  8.770   2.086   1.00 9.68  ? 159 LEU A CD1 1 
ATOM   502 C CD2 . LEU A 1 63 ? 0.416   11.103  2.725   1.00 11.98 ? 159 LEU A CD2 1 
ATOM   503 N N   . HIS A 1 64 ? -4.811  12.378  1.751   1.00 8.41  ? 160 HIS A N   1 
ATOM   504 C CA  . HIS A 1 64 ? -5.906  12.901  0.925   1.00 8.10  ? 160 HIS A CA  1 
ATOM   505 C C   . HIS A 1 64 ? -5.843  12.366  -0.510  1.00 8.17  ? 160 HIS A C   1 
ATOM   506 O O   . HIS A 1 64 ? -5.830  13.120  -1.485  1.00 9.29  ? 160 HIS A O   1 
ATOM   507 C CB  . HIS A 1 64 ? -5.951  14.435  0.953   1.00 8.03  ? 160 HIS A CB  1 
ATOM   508 C CG  . HIS A 1 64 ? -5.855  15.006  2.333   1.00 8.59  ? 160 HIS A CG  1 
ATOM   509 N ND1 . HIS A 1 64 ? -6.787  14.736  3.311   1.00 9.18  ? 160 HIS A ND1 1 
ATOM   510 C CD2 . HIS A 1 64 ? -4.931  15.811  2.910   1.00 8.86  ? 160 HIS A CD2 1 
ATOM   511 C CE1 . HIS A 1 64 ? -6.449  15.358  4.426   1.00 10.17 ? 160 HIS A CE1 1 
ATOM   512 N NE2 . HIS A 1 64 ? -5.324  16.013  4.214   1.00 9.30  ? 160 HIS A NE2 1 
ATOM   513 N N   . LEU A 1 65 ? -5.820  11.036  -0.632  1.00 7.82  ? 161 LEU A N   1 
ATOM   514 C CA  . LEU A 1 65 ? -5.563  10.391  -1.912  1.00 7.98  ? 161 LEU A CA  1 
ATOM   515 C C   . LEU A 1 65 ? -6.825  10.260  -2.752  1.00 7.85  ? 161 LEU A C   1 
ATOM   516 O O   . LEU A 1 65 ? -7.935  10.188  -2.224  1.00 7.90  ? 161 LEU A O   1 
ATOM   517 C CB  . LEU A 1 65 ? -5.018  8.990   -1.670  1.00 7.96  ? 161 LEU A CB  1 
ATOM   518 C CG  . LEU A 1 65 ? -3.682  8.935   -0.927  1.00 7.94  ? 161 LEU A CG  1 
ATOM   519 C CD1 . LEU A 1 65 ? -3.348  7.530   -0.469  1.00 9.46  ? 161 LEU A CD1 1 
ATOM   520 C CD2 . LEU A 1 65 ? -2.547  9.516   -1.772  1.00 11.30 ? 161 LEU A CD2 1 
ATOM   521 N N   . PRO A 1 66 ? -6.670  10.182  -4.092  1.00 8.45  ? 162 PRO A N   1 
ATOM   522 C CA  . PRO A 1 66 ? -7.802  9.794   -4.945  1.00 10.14 ? 162 PRO A CA  1 
ATOM   523 C C   . PRO A 1 66 ? -8.159  8.324   -4.751  1.00 9.00  ? 162 PRO A C   1 
ATOM   524 O O   . PRO A 1 66 ? -7.448  7.599   -4.051  1.00 8.28  ? 162 PRO A O   1 
ATOM   525 C CB  . PRO A 1 66 ? -7.272  10.055  -6.359  1.00 10.26 ? 162 PRO A CB  1 
ATOM   526 C CG  . PRO A 1 66 ? -5.801  9.782   -6.236  1.00 11.57 ? 162 PRO A CG  1 
ATOM   527 C CD  . PRO A 1 66 ? -5.410  10.268  -4.852  1.00 10.33 ? 162 PRO A CD  1 
ATOM   528 N N   . LYS A 1 67 ? -9.234  7.862   -5.391  1.00 10.31 ? 163 LYS A N   1 
ATOM   529 C CA  . LYS A 1 67 ? -9.700  6.498   -5.161  1.00 11.94 ? 163 LYS A CA  1 
ATOM   530 C C   . LYS A 1 67 ? -8.690  5.472   -5.652  1.00 11.20 ? 163 LYS A C   1 
ATOM   531 O O   . LYS A 1 67 ? -8.414  4.480   -4.965  1.00 12.61 ? 163 LYS A O   1 
ATOM   532 C CB  . LYS A 1 67 ? -11.046 6.281   -5.856  1.00 13.23 ? 163 LYS A CB  1 
ATOM   533 C CG  . LYS A 1 67 ? -11.540 4.831   -5.829  1.00 15.09 ? 163 LYS A CG  1 
ATOM   534 C CD  . LYS A 1 67 ? -12.842 4.681   -6.612  1.00 17.36 ? 163 LYS A CD  1 
ATOM   535 C CE  . LYS A 1 67 ? -13.381 3.254   -6.559  1.00 18.29 ? 163 LYS A CE  1 
ATOM   536 N NZ  . LYS A 1 67 ? -12.509 2.256   -7.235  1.00 18.14 ? 163 LYS A NZ  1 
ATOM   537 N N   . ASN A 1 68 ? -8.134  5.684   -6.834  1.00 10.89 ? 164 ASN A N   1 
ATOM   538 C CA  . ASN A 1 68 ? -7.260  4.699   -7.450  1.00 11.37 ? 164 ASN A CA  1 
ATOM   539 C C   . ASN A 1 68 ? -5.814  5.163   -7.370  1.00 13.35 ? 164 ASN A C   1 
ATOM   540 O O   . ASN A 1 68 ? -5.490  6.298   -7.741  1.00 14.47 ? 164 ASN A O   1 
ATOM   541 C CB  . ASN A 1 68 ? -7.695  4.389   -8.883  1.00 15.61 ? 164 ASN A CB  1 
ATOM   542 C CG  . ASN A 1 68 ? -8.923  3.497   -8.928  1.00 18.38 ? 164 ASN A CG  1 
ATOM   543 O OD1 . ASN A 1 68 ? -8.868  2.331   -8.531  1.00 23.75 ? 164 ASN A OD1 1 
ATOM   544 N ND2 . ASN A 1 68 ? -10.038 4.040   -9.400  1.00 24.33 ? 164 ASN A ND2 1 
ATOM   545 N N   . ASN A 1 69 ? -4.961  4.294   -6.846  1.00 10.62 ? 165 ASN A N   1 
ATOM   546 C CA  . ASN A 1 69 ? -3.569  4.604   -6.582  1.00 10.08 ? 165 ASN A CA  1 
ATOM   547 C C   . ASN A 1 69 ? -2.717  3.458   -7.095  1.00 9.11  ? 165 ASN A C   1 
ATOM   548 O O   . ASN A 1 69 ? -3.201  2.343   -7.263  1.00 11.26 ? 165 ASN A O   1 
ATOM   549 C CB  . ASN A 1 69 ? -3.335  4.765   -5.083  1.00 8.83  ? 165 ASN A CB  1 
ATOM   550 C CG  . ASN A 1 69 ? -4.186  5.853   -4.490  1.00 8.59  ? 165 ASN A CG  1 
ATOM   551 O OD1 . ASN A 1 69 ? -3.786  7.014   -4.478  1.00 9.98  ? 165 ASN A OD1 1 
ATOM   552 N ND2 . ASN A 1 69 ? -5.371  5.498   -4.017  1.00 8.17  ? 165 ASN A ND2 1 
ATOM   553 N N   . SER A 1 70 ? -1.442  3.745   -7.338  1.00 10.27 ? 166 SER A N   1 
ATOM   554 C CA  . SER A 1 70 ? -0.500  2.742   -7.823  1.00 9.17  ? 166 SER A CA  1 
ATOM   555 C C   . SER A 1 70 ? 0.760   2.751   -6.970  1.00 8.80  ? 166 SER A C   1 
ATOM   556 O O   . SER A 1 70 ? 1.263   3.819   -6.612  1.00 11.43 ? 166 SER A O   1 
ATOM   557 C CB  . SER A 1 70 ? -0.124  3.011   -9.279  1.00 14.15 ? 166 SER A CB  1 
ATOM   558 O OG  . SER A 1 70 ? -1.243  2.805   -10.121 1.00 18.70 ? 166 SER A OG  1 
ATOM   559 N N   . LEU A 1 71 ? 1.257   1.554   -6.648  1.00 8.57  ? 167 LEU A N   1 
ATOM   560 C CA  . LEU A 1 71 ? 2.481   1.369   -5.887  1.00 7.75  ? 167 LEU A CA  1 
ATOM   561 C C   . LEU A 1 71 ? 3.223   0.187   -6.494  1.00 7.94  ? 167 LEU A C   1 
ATOM   562 O O   . LEU A 1 71 ? 2.693   -0.518  -7.350  1.00 7.81  ? 167 LEU A O   1 
ATOM   563 C CB  . LEU A 1 71 ? 2.193   1.061   -4.409  1.00 7.12  ? 167 LEU A CB  1 
ATOM   564 C CG  . LEU A 1 71 ? 1.379   2.092   -3.613  1.00 7.88  ? 167 LEU A CG  1 
ATOM   565 C CD1 . LEU A 1 71 ? 0.969   1.511   -2.271  1.00 8.19  ? 167 LEU A CD1 1 
ATOM   566 C CD2 . LEU A 1 71 ? 2.189   3.351   -3.412  1.00 9.30  ? 167 LEU A CD2 1 
ATOM   567 N N   . TYR A 1 72 ? 4.449   -0.050  -6.031  1.00 7.73  ? 168 TYR A N   1 
ATOM   568 C CA  . TYR A 1 72 ? 5.196   -1.223  -6.478  1.00 7.07  ? 168 TYR A CA  1 
ATOM   569 C C   . TYR A 1 72 ? 6.065   -1.736  -5.340  1.00 8.28  ? 168 TYR A C   1 
ATOM   570 O O   . TYR A 1 72 ? 6.380   -1.014  -4.388  1.00 7.98  ? 168 TYR A O   1 
ATOM   571 C CB  . TYR A 1 72 ? 6.015   -0.954  -7.755  1.00 8.76  ? 168 TYR A CB  1 
ATOM   572 C CG  . TYR A 1 72 ? 7.154   0.021   -7.581  1.00 8.83  ? 168 TYR A CG  1 
ATOM   573 C CD1 . TYR A 1 72 ? 8.452   -0.430  -7.394  1.00 9.55  ? 168 TYR A CD1 1 
ATOM   574 C CD2 . TYR A 1 72 ? 6.933   1.392   -7.638  1.00 7.54  ? 168 TYR A CD2 1 
ATOM   575 C CE1 . TYR A 1 72 ? 9.492   0.457   -7.239  1.00 9.44  ? 168 TYR A CE1 1 
ATOM   576 C CE2 . TYR A 1 72 ? 7.961   2.289   -7.486  1.00 8.42  ? 168 TYR A CE2 1 
ATOM   577 C CZ  . TYR A 1 72 ? 9.244   1.812   -7.290  1.00 10.07 ? 168 TYR A CZ  1 
ATOM   578 O OH  . TYR A 1 72 ? 10.291  2.689   -7.139  1.00 10.16 ? 168 TYR A OH  1 
ATOM   579 N N   . VAL A 1 73 ? 6.442   -3.007  -5.449  1.00 8.30  ? 169 VAL A N   1 
ATOM   580 C CA  . VAL A 1 73 ? 7.230   -3.699  -4.441  1.00 8.79  ? 169 VAL A CA  1 
ATOM   581 C C   . VAL A 1 73 ? 8.588   -4.054  -5.029  1.00 10.08 ? 169 VAL A C   1 
ATOM   582 O O   . VAL A 1 73 ? 8.674   -4.563  -6.151  1.00 10.06 ? 169 VAL A O   1 
ATOM   583 C CB  . VAL A 1 73 ? 6.509   -4.975  -3.966  1.00 9.12  ? 169 VAL A CB  1 
ATOM   584 C CG1 . VAL A 1 73 ? 7.445   -5.849  -3.115  1.00 11.25 ? 169 VAL A CG1 1 
ATOM   585 C CG2 . VAL A 1 73 ? 5.244   -4.600  -3.208  1.00 9.90  ? 169 VAL A CG2 1 
ATOM   586 N N   . LEU A 1 74 ? 9.645   -3.804  -4.264  1.00 10.08 ? 170 LEU A N   1 
ATOM   587 C CA  . LEU A 1 74 ? 10.961  -4.345  -4.575  1.00 11.71 ? 170 LEU A CA  1 
ATOM   588 C C   . LEU A 1 74 ? 11.341  -5.366  -3.518  1.00 14.15 ? 170 LEU A C   1 
ATOM   589 O O   . LEU A 1 74 ? 11.095  -5.156  -2.330  1.00 12.47 ? 170 LEU A O   1 
ATOM   590 C CB  . LEU A 1 74 ? 12.029  -3.253  -4.579  1.00 15.25 ? 170 LEU A CB  1 
ATOM   591 C CG  . LEU A 1 74 ? 11.840  -2.152  -5.619  1.00 12.52 ? 170 LEU A CG  1 
ATOM   592 C CD1 . LEU A 1 74 ? 12.951  -1.121  -5.504  1.00 15.38 ? 170 LEU A CD1 1 
ATOM   593 C CD2 . LEU A 1 74 ? 11.753  -2.715  -7.025  1.00 14.96 ? 170 LEU A CD2 1 
ATOM   594 N N   . THR A 1 75 ? 11.952  -6.465  -3.953  1.00 15.17 ? 171 THR A N   1 
ATOM   595 C CA  . THR A 1 75 ? 12.567  -7.411  -3.021  1.00 14.73 ? 171 THR A CA  1 
ATOM   596 C C   . THR A 1 75 ? 14.008  -7.691  -3.443  1.00 17.39 ? 171 THR A C   1 
ATOM   597 O O   . THR A 1 75 ? 14.427  -7.317  -4.535  1.00 20.21 ? 171 THR A O   1 
ATOM   598 C CB  . THR A 1 75 ? 11.800  -8.746  -2.934  1.00 16.23 ? 171 THR A CB  1 
ATOM   599 O OG1 . THR A 1 75 ? 11.720  -9.343  -4.232  1.00 16.48 ? 171 THR A OG1 1 
ATOM   600 C CG2 . THR A 1 75 ? 10.388  -8.533  -2.386  1.00 13.72 ? 171 THR A CG2 1 
HETATM 601 O O   . HOH B 2 .  ? -10.028 -1.626  5.637   1.00 18.08 ? 201 HOH A O   1 
HETATM 602 O O   . HOH B 2 .  ? -13.073 -0.994  9.794   0.50 26.24 ? 202 HOH A O   1 
HETATM 603 O O   . HOH B 2 .  ? 15.450  -12.996 1.707   1.00 32.77 ? 203 HOH A O   1 
HETATM 604 O O   . HOH B 2 .  ? 8.263   -5.331  -13.114 1.00 20.73 ? 204 HOH A O   1 
HETATM 605 O O   . HOH B 2 .  ? 6.302   -2.883  7.794   1.00 23.27 ? 205 HOH A O   1 
HETATM 606 O O   . HOH B 2 .  ? -10.514 9.146   -2.357  1.00 14.01 ? 206 HOH A O   1 
HETATM 607 O O   . HOH B 2 .  ? -12.603 1.965   -3.473  1.00 18.46 ? 207 HOH A O   1 
HETATM 608 O O   . HOH B 2 .  ? 9.208   17.025  5.298   1.00 24.38 ? 208 HOH A O   1 
HETATM 609 O O   . HOH B 2 .  ? -6.888  -2.823  10.792  1.00 19.78 ? 209 HOH A O   1 
HETATM 610 O O   . HOH B 2 .  ? -5.313  2.883   11.498  1.00 20.81 ? 210 HOH A O   1 
HETATM 611 O O   . HOH B 2 .  ? -12.546 -1.526  -5.143  1.00 19.40 ? 211 HOH A O   1 
HETATM 612 O O   . HOH B 2 .  ? 8.525   -4.024  -8.843  1.00 12.77 ? 212 HOH A O   1 
HETATM 613 O O   . HOH B 2 .  ? 11.552  -9.638  -8.166  1.00 19.05 ? 213 HOH A O   1 
HETATM 614 O O   . HOH B 2 .  ? 8.162   3.354   8.145   1.00 16.34 ? 214 HOH A O   1 
HETATM 615 O O   . HOH B 2 .  ? 9.815   5.270   -7.135  1.00 12.18 ? 215 HOH A O   1 
HETATM 616 O O   . HOH B 2 .  ? -11.819 6.719   -2.609  1.00 16.60 ? 216 HOH A O   1 
HETATM 617 O O   . HOH B 2 .  ? -4.324  -13.924 -1.229  1.00 25.14 ? 217 HOH A O   1 
HETATM 618 O O   . HOH B 2 .  ? 0.855   -12.687 7.701   1.00 18.42 ? 218 HOH A O   1 
HETATM 619 O O   . HOH B 2 .  ? -14.970 -0.867  6.614   1.00 19.64 ? 219 HOH A O   1 
HETATM 620 O O   . HOH B 2 .  ? 9.762   8.182   4.691   1.00 24.86 ? 220 HOH A O   1 
HETATM 621 O O   . HOH B 2 .  ? 3.755   7.499   -8.020  1.00 22.60 ? 221 HOH A O   1 
HETATM 622 O O   . HOH B 2 .  ? 6.781   1.482   3.941   1.00 18.98 ? 222 HOH A O   1 
HETATM 623 O O   . HOH B 2 .  ? -2.503  8.354   -6.417  1.00 18.76 ? 223 HOH A O   1 
HETATM 624 O O   . HOH B 2 .  ? 1.068   6.366   -5.776  1.00 19.24 ? 224 HOH A O   1 
HETATM 625 O O   . HOH B 2 .  ? -8.935  13.136  3.060   1.00 14.60 ? 225 HOH A O   1 
HETATM 626 O O   . HOH B 2 .  ? -0.731  12.980  -0.824  1.00 17.00 ? 226 HOH A O   1 
HETATM 627 O O   . HOH B 2 .  ? -12.762 8.320   6.718   1.00 23.81 ? 227 HOH A O   1 
HETATM 628 O O   . HOH B 2 .  ? 9.559   10.259  8.453   1.00 20.34 ? 228 HOH A O   1 
HETATM 629 O O   . HOH B 2 .  ? -15.907 0.095   4.506   1.00 16.58 ? 229 HOH A O   1 
HETATM 630 O O   . HOH B 2 .  ? -9.326  11.056  -0.068  1.00 11.05 ? 230 HOH A O   1 
HETATM 631 O O   . HOH B 2 .  ? 1.030   0.020   10.588  1.00 21.43 ? 231 HOH A O   1 
HETATM 632 O O   . HOH B 2 .  ? -12.415 4.662   5.739   1.00 21.24 ? 232 HOH A O   1 
HETATM 633 O O   . HOH B 2 .  ? -8.771  10.292  2.486   1.00 9.45  ? 233 HOH A O   1 
HETATM 634 O O   . HOH B 2 .  ? 7.738   5.054   2.404   1.00 23.61 ? 234 HOH A O   1 
HETATM 635 O O   . HOH B 2 .  ? -6.660  0.413   10.888  1.00 19.77 ? 235 HOH A O   1 
HETATM 636 O O   . HOH B 2 .  ? -1.423  -2.818  11.702  1.00 25.23 ? 236 HOH A O   1 
HETATM 637 O O   . HOH B 2 .  ? 0.269   -15.990 4.690   1.00 17.57 ? 237 HOH A O   1 
HETATM 638 O O   . HOH B 2 .  ? 9.295   -6.558  -9.472  1.00 12.11 ? 238 HOH A O   1 
HETATM 639 O O   . HOH B 2 .  ? 5.673   2.380   1.767   1.00 13.51 ? 239 HOH A O   1 
HETATM 640 O O   . HOH B 2 .  ? -6.635  -1.653  -7.246  1.00 16.83 ? 240 HOH A O   1 
HETATM 641 O O   . HOH B 2 .  ? -12.244 10.616  4.039   1.00 21.28 ? 241 HOH A O   1 
HETATM 642 O O   . HOH B 2 .  ? 1.205   10.684  -1.059  1.00 15.32 ? 242 HOH A O   1 
HETATM 643 O O   . HOH B 2 .  ? -6.351  9.343   1.526   1.00 7.98  ? 243 HOH A O   1 
HETATM 644 O O   . HOH B 2 .  ? 13.082  2.542   -7.158  1.00 10.79 ? 244 HOH A O   1 
HETATM 645 O O   . HOH B 2 .  ? -1.448  15.397  2.609   1.00 16.78 ? 245 HOH A O   1 
HETATM 646 O O   . HOH B 2 .  ? 9.217   3.435   0.557   1.00 22.16 ? 246 HOH A O   1 
HETATM 647 O O   . HOH B 2 .  ? -3.769  14.936  -2.081  1.00 13.31 ? 247 HOH A O   1 
HETATM 648 O O   . HOH B 2 .  ? -0.716  5.710   13.011  1.00 15.84 ? 248 HOH A O   1 
HETATM 649 O O   . HOH B 2 .  ? 6.889   10.785  8.613   1.00 17.37 ? 249 HOH A O   1 
HETATM 650 O O   . HOH B 2 .  ? 7.597   9.003   1.069   1.00 24.06 ? 250 HOH A O   1 
HETATM 651 O O   . HOH B 2 .  ? -2.528  0.047   11.431  1.00 20.90 ? 251 HOH A O   1 
HETATM 652 O O   . HOH B 2 .  ? -16.728 6.429   7.771   1.00 24.63 ? 252 HOH A O   1 
HETATM 653 O O   . HOH B 2 .  ? 11.947  -3.392  4.369   1.00 26.52 ? 253 HOH A O   1 
HETATM 654 O O   . HOH B 2 .  ? -5.375  -7.530  -1.460  1.00 20.32 ? 254 HOH A O   1 
HETATM 655 O O   . HOH B 2 .  ? 0.814   -9.970  7.339   1.00 14.24 ? 255 HOH A O   1 
HETATM 656 O O   . HOH B 2 .  ? 4.997   -13.804 -4.831  1.00 25.29 ? 256 HOH A O   1 
HETATM 657 O O   . HOH B 2 .  ? -9.160  1.087   10.063  1.00 16.81 ? 257 HOH A O   1 
HETATM 658 O O   . HOH B 2 .  ? -15.197 7.435   5.669   1.00 22.54 ? 258 HOH A O   1 
HETATM 659 O O   . HOH B 2 .  ? -14.541 0.223   -7.354  1.00 27.19 ? 259 HOH A O   1 
HETATM 660 O O   . HOH B 2 .  ? 8.436   -0.530  2.680   1.00 15.28 ? 260 HOH A O   1 
HETATM 661 O O   . HOH B 2 .  ? -10.995 6.709   -9.970  1.00 26.93 ? 261 HOH A O   1 
HETATM 662 O O   . HOH B 2 .  ? -13.929 13.151  6.859   1.00 22.34 ? 262 HOH A O   1 
HETATM 663 O O   . HOH B 2 .  ? -0.744  6.548   -7.145  1.00 17.58 ? 263 HOH A O   1 
HETATM 664 O O   . HOH B 2 .  ? 6.842   -16.250 -2.071  1.00 24.08 ? 264 HOH A O   1 
HETATM 665 O O   . HOH B 2 .  ? 0.765   9.021   -3.234  1.00 15.82 ? 265 HOH A O   1 
HETATM 666 O O   . HOH B 2 .  ? -13.462 10.750  9.986   1.00 25.27 ? 266 HOH A O   1 
HETATM 667 O O   . HOH B 2 .  ? -7.092  6.336   11.478  1.00 21.47 ? 267 HOH A O   1 
HETATM 668 O O   . HOH B 2 .  ? 6.796   -10.805 8.807   1.00 25.63 ? 268 HOH A O   1 
HETATM 669 O O   . HOH B 2 .  ? 1.594   -2.559  9.829   1.00 24.42 ? 269 HOH A O   1 
HETATM 670 O O   . HOH B 2 .  ? 3.870   3.809   -7.924  1.00 20.39 ? 270 HOH A O   1 
HETATM 671 O O   . HOH B 2 .  ? -4.225  -10.131 4.582   1.00 12.71 ? 271 HOH A O   1 
HETATM 672 O O   . HOH B 2 .  ? -12.693 -2.589  5.789   1.00 23.65 ? 272 HOH A O   1 
HETATM 673 O O   . HOH B 2 .  ? 1.310   -0.364  -9.938  1.00 16.54 ? 273 HOH A O   1 
HETATM 674 O O   . HOH B 2 .  ? 14.207  -9.131  -0.329  1.00 21.23 ? 274 HOH A O   1 
HETATM 675 O O   . HOH B 2 .  ? 3.816   -3.793  7.894   1.00 18.38 ? 275 HOH A O   1 
HETATM 676 O O   . HOH B 2 .  ? -5.196  -9.002  -6.566  1.00 20.51 ? 276 HOH A O   1 
HETATM 677 O O   . HOH B 2 .  ? -4.492  2.525   -9.928  1.00 23.99 ? 277 HOH A O   1 
HETATM 678 O O   . HOH B 2 .  ? -11.106 9.859   -6.542  1.00 19.74 ? 278 HOH A O   1 
HETATM 679 O O   . HOH B 2 .  ? 9.160   -13.392 -3.756  1.00 27.17 ? 279 HOH A O   1 
HETATM 680 O O   . HOH B 2 .  ? -7.381  -6.013  -0.586  1.00 17.45 ? 280 HOH A O   1 
HETATM 681 O O   . HOH B 2 .  ? -3.844  -10.701 1.919   1.00 20.90 ? 281 HOH A O   1 
HETATM 682 O O   . HOH B 2 .  ? 8.978   -9.337  8.522   1.00 25.36 ? 282 HOH A O   1 
HETATM 683 O O   . HOH B 2 .  ? 15.403  -6.119  -7.123  1.00 15.54 ? 283 HOH A O   1 
HETATM 684 O O   . HOH B 2 .  ? -1.148  0.495   -12.120 1.00 24.02 ? 284 HOH A O   1 
HETATM 685 O O   . HOH B 2 .  ? -6.067  1.189   -8.061  1.00 16.65 ? 285 HOH A O   1 
HETATM 686 O O   . HOH B 2 .  ? 7.772   5.932   -2.265  1.00 15.29 ? 286 HOH A O   1 
HETATM 687 O O   . HOH B 2 .  ? 9.070   5.767   -4.688  1.00 19.73 ? 287 HOH A O   1 
HETATM 688 O O   . HOH B 2 .  ? -0.769  7.060   -3.672  1.00 18.20 ? 288 HOH A O   1 
HETATM 689 O O   . HOH B 2 .  ? 15.639  -7.257  4.060   1.00 27.31 ? 289 HOH A O   1 
HETATM 690 O O   . HOH B 2 .  ? -11.547 -4.472  0.091   1.00 22.50 ? 290 HOH A O   1 
HETATM 691 O O   . HOH B 2 .  ? -1.580  -6.512  13.457  1.00 23.42 ? 291 HOH A O   1 
HETATM 692 O O   . HOH B 2 .  ? 13.996  -9.696  -6.908  1.00 16.98 ? 292 HOH A O   1 
HETATM 693 O O   . HOH B 2 .  ? -8.576  -6.291  2.150   1.00 24.55 ? 293 HOH A O   1 
HETATM 694 O O   . HOH B 2 .  ? 1.187   6.983   -8.902  1.00 21.58 ? 294 HOH A O   1 
HETATM 695 O O   . HOH B 2 .  ? -15.367 10.194  8.824   1.00 19.80 ? 295 HOH A O   1 
HETATM 696 O O   . HOH B 2 .  ? 11.133  -7.072  -7.396  1.00 18.70 ? 296 HOH A O   1 
HETATM 697 O O   . HOH B 2 .  ? -5.303  11.315  9.313   1.00 18.93 ? 297 HOH A O   1 
HETATM 698 O O   . HOH B 2 .  ? -3.884  -13.228 1.052   1.00 24.13 ? 298 HOH A O   1 
HETATM 699 O O   . HOH B 2 .  ? 6.873   8.640   -7.525  1.00 25.15 ? 299 HOH A O   1 
HETATM 700 O O   . HOH B 2 .  ? -9.298  14.202  5.916   1.00 23.07 ? 300 HOH A O   1 
HETATM 701 O O   . HOH B 2 .  ? -15.087 9.819   5.243   1.00 26.59 ? 301 HOH A O   1 
HETATM 702 O O   . HOH B 2 .  ? 8.870   2.628   5.108   1.00 27.99 ? 302 HOH A O   1 
HETATM 703 O O   . HOH B 2 .  ? 0.767   -5.974  13.625  1.00 27.17 ? 303 HOH A O   1 
HETATM 704 O O   . HOH B 2 .  ? 4.290   0.602   -10.813 1.00 18.68 ? 304 HOH A O   1 
HETATM 705 O O   . HOH B 2 .  ? 3.310   -1.034  10.258  1.00 24.58 ? 305 HOH A O   1 
HETATM 706 O O   . HOH B 2 .  ? -7.620  15.042  7.442   1.00 21.44 ? 306 HOH A O   1 
HETATM 707 O O   . HOH B 2 .  ? -3.720  -15.450 2.996   1.00 20.16 ? 307 HOH A O   1 
HETATM 708 O O   . HOH B 2 .  ? -15.288 12.931  9.445   1.00 22.66 ? 308 HOH A O   1 
HETATM 709 O O   . HOH B 2 .  ? -12.653 -4.087  -4.421  1.00 20.98 ? 309 HOH A O   1 
HETATM 710 O O   . HOH B 2 .  ? -1.327  14.152  -3.495  1.00 25.25 ? 310 HOH A O   1 
HETATM 711 O O   . HOH B 2 .  ? 13.575  -11.600 -0.337  1.00 29.21 ? 311 HOH A O   1 
HETATM 712 O O   . HOH B 2 .  ? 16.076  -8.809  2.093   1.00 22.45 ? 312 HOH A O   1 
HETATM 713 O O   . HOH B 2 .  ? 3.690   -5.628  10.024  1.00 26.50 ? 313 HOH A O   1 
HETATM 714 O O   . HOH B 2 .  ? -11.621 13.173  3.163   1.00 21.50 ? 314 HOH A O   1 
HETATM 715 O O   . HOH B 2 .  ? -12.657 8.370   -8.511  1.00 27.72 ? 315 HOH A O   1 
HETATM 716 O O   . HOH B 2 .  ? 13.288  -6.514  -9.055  0.50 15.46 ? 316 HOH A O   1 
HETATM 717 O O   . HOH B 2 .  ? 14.996  -3.572  -8.418  0.50 14.42 ? 317 HOH A O   1 
HETATM 718 O O   . HOH B 2 .  ? -19.200 12.125  7.117   1.00 33.21 ? 318 HOH A O   1 
# 
